data_2LUV
#
_entry.id   2LUV
#
_entity_poly.entity_id   1
_entity_poly.type   'polypeptide(L)'
_entity_poly.pdbx_seq_one_letter_code
;KVGFFKRQYKEMMEEANGQIAPENGTQTPSPPSEK
;
_entity_poly.pdbx_strand_id   A
#
# COMPACT_ATOMS: atom_id res chain seq x y z
N LYS A 1 -15.27 -11.55 5.25
CA LYS A 1 -14.47 -10.82 4.28
C LYS A 1 -13.64 -9.73 4.97
N VAL A 2 -12.49 -10.13 5.51
CA VAL A 2 -11.60 -9.19 6.20
C VAL A 2 -10.16 -9.68 6.18
N GLY A 3 -9.99 -10.99 6.37
CA GLY A 3 -8.65 -11.57 6.37
C GLY A 3 -8.06 -11.65 4.98
N PHE A 4 -8.90 -11.45 3.97
CA PHE A 4 -8.44 -11.51 2.59
C PHE A 4 -7.86 -10.17 2.15
N PHE A 5 -8.53 -9.08 2.51
CA PHE A 5 -8.08 -7.75 2.15
C PHE A 5 -6.78 -7.40 2.86
N LYS A 6 -6.61 -7.92 4.07
CA LYS A 6 -5.41 -7.67 4.86
C LYS A 6 -4.16 -8.03 4.06
N ARG A 7 -4.27 -9.06 3.23
CA ARG A 7 -3.14 -9.50 2.42
C ARG A 7 -3.37 -9.16 0.95
N GLN A 8 -4.63 -8.91 0.58
CA GLN A 8 -4.97 -8.58 -0.79
C GLN A 8 -4.90 -7.07 -1.01
N TYR A 9 -5.48 -6.31 -0.09
CA TYR A 9 -5.48 -4.85 -0.18
C TYR A 9 -4.07 -4.30 -0.10
N LYS A 10 -3.27 -4.84 0.82
CA LYS A 10 -1.90 -4.40 0.99
C LYS A 10 -1.05 -4.75 -0.23
N GLU A 11 -1.39 -5.86 -0.87
CA GLU A 11 -0.66 -6.31 -2.07
C GLU A 11 -1.05 -5.48 -3.28
N MET A 12 -2.32 -5.10 -3.36
CA MET A 12 -2.81 -4.30 -4.47
C MET A 12 -2.39 -2.84 -4.31
N MET A 13 -2.09 -2.44 -3.09
CA MET A 13 -1.69 -1.07 -2.80
C MET A 13 -0.19 -0.89 -3.03
N GLU A 14 0.59 -1.93 -2.70
CA GLU A 14 2.03 -1.88 -2.87
C GLU A 14 2.42 -2.06 -4.34
N GLU A 15 1.55 -2.74 -5.08
CA GLU A 15 1.79 -2.98 -6.50
C GLU A 15 1.46 -1.75 -7.33
N ALA A 16 0.49 -0.97 -6.87
CA ALA A 16 0.08 0.24 -7.58
C ALA A 16 0.79 1.46 -7.02
N ASN A 17 1.48 1.29 -5.89
CA ASN A 17 2.20 2.38 -5.25
C ASN A 17 3.60 2.52 -5.84
N GLY A 18 4.00 1.54 -6.65
CA GLY A 18 5.31 1.57 -7.27
C GLY A 18 6.16 0.38 -6.88
N GLN A 19 5.55 -0.80 -6.86
CA GLN A 19 6.27 -2.03 -6.51
C GLN A 19 7.60 -2.11 -7.25
N ILE A 20 7.68 -1.46 -8.40
CA ILE A 20 8.91 -1.46 -9.20
C ILE A 20 9.43 -0.04 -9.41
N ALA A 21 8.61 0.94 -9.06
CA ALA A 21 9.00 2.34 -9.20
C ALA A 21 9.30 2.97 -7.84
N PRO A 22 9.95 4.14 -7.86
CA PRO A 22 10.32 4.87 -6.64
C PRO A 22 9.11 5.45 -5.93
N GLU A 23 7.95 5.31 -6.56
CA GLU A 23 6.70 5.83 -5.98
C GLU A 23 6.38 5.10 -4.67
N ASN A 24 6.77 3.84 -4.58
CA ASN A 24 6.52 3.04 -3.38
C ASN A 24 7.07 3.74 -2.13
N GLY A 25 6.17 4.33 -1.34
CA GLY A 25 6.58 5.03 -0.14
C GLY A 25 6.23 6.50 -0.17
N THR A 26 5.87 7.00 -1.35
CA THR A 26 5.52 8.40 -1.52
C THR A 26 4.03 8.62 -1.31
N GLN A 27 3.22 7.66 -1.76
CA GLN A 27 1.78 7.75 -1.64
C GLN A 27 1.25 6.71 -0.65
N THR A 28 2.16 5.89 -0.12
CA THR A 28 1.79 4.86 0.84
C THR A 28 0.85 5.41 1.90
N PRO A 29 -0.06 4.57 2.39
CA PRO A 29 -1.04 4.94 3.42
C PRO A 29 -0.38 5.16 4.78
N SER A 30 0.48 6.18 4.86
CA SER A 30 1.17 6.48 6.11
C SER A 30 0.18 6.69 7.25
N PRO A 31 0.66 6.47 8.49
CA PRO A 31 -0.17 6.62 9.69
C PRO A 31 -0.51 8.09 9.97
N PRO A 32 -1.46 8.31 10.88
CA PRO A 32 -1.90 9.66 11.27
C PRO A 32 -0.83 10.41 12.06
N SER A 33 0.05 9.66 12.70
CA SER A 33 1.13 10.27 13.49
C SER A 33 2.16 10.93 12.58
N GLU A 34 2.28 10.44 11.35
CA GLU A 34 3.23 10.99 10.39
C GLU A 34 2.51 11.86 9.36
N LYS A 35 1.23 11.58 9.14
CA LYS A 35 0.44 12.33 8.18
C LYS A 35 -0.44 13.36 8.90
N LYS A 1 -15.73 -11.96 3.94
CA LYS A 1 -14.85 -11.33 2.97
C LYS A 1 -14.26 -10.04 3.54
N VAL A 2 -13.19 -10.16 4.33
CA VAL A 2 -12.54 -9.01 4.93
C VAL A 2 -11.09 -9.31 5.24
N GLY A 3 -10.82 -10.51 5.72
CA GLY A 3 -9.45 -10.89 6.05
C GLY A 3 -8.62 -11.17 4.82
N PHE A 4 -9.27 -11.26 3.67
CA PHE A 4 -8.57 -11.52 2.42
C PHE A 4 -8.05 -10.24 1.81
N PHE A 5 -8.89 -9.21 1.81
CA PHE A 5 -8.52 -7.91 1.25
C PHE A 5 -7.41 -7.25 2.07
N LYS A 6 -7.42 -7.52 3.38
CA LYS A 6 -6.42 -6.97 4.28
C LYS A 6 -5.01 -7.29 3.79
N ARG A 7 -4.85 -8.46 3.20
CA ARG A 7 -3.55 -8.88 2.69
C ARG A 7 -3.53 -8.87 1.16
N GLN A 8 -4.71 -8.87 0.56
CA GLN A 8 -4.83 -8.86 -0.89
C GLN A 8 -4.89 -7.43 -1.42
N TYR A 9 -5.69 -6.60 -0.79
CA TYR A 9 -5.83 -5.20 -1.19
C TYR A 9 -4.53 -4.45 -1.01
N LYS A 10 -3.87 -4.68 0.13
CA LYS A 10 -2.60 -4.02 0.44
C LYS A 10 -1.52 -4.49 -0.53
N GLU A 11 -1.61 -5.73 -0.97
CA GLU A 11 -0.62 -6.29 -1.90
C GLU A 11 -0.85 -5.77 -3.31
N MET A 12 -2.12 -5.56 -3.66
CA MET A 12 -2.48 -5.08 -4.99
C MET A 12 -2.22 -3.57 -5.10
N MET A 13 -2.22 -2.90 -3.95
CA MET A 13 -1.99 -1.45 -3.92
C MET A 13 -0.49 -1.15 -3.95
N GLU A 14 0.30 -1.98 -3.27
CA GLU A 14 1.74 -1.79 -3.22
C GLU A 14 2.39 -2.22 -4.54
N GLU A 15 1.75 -3.13 -5.24
CA GLU A 15 2.26 -3.63 -6.51
C GLU A 15 1.97 -2.64 -7.63
N ALA A 16 0.88 -1.92 -7.51
CA ALA A 16 0.50 -0.93 -8.52
C ALA A 16 0.98 0.46 -8.14
N ASN A 17 1.46 0.60 -6.90
CA ASN A 17 1.96 1.88 -6.42
C ASN A 17 3.43 2.07 -6.79
N GLY A 18 4.05 1.01 -7.29
CA GLY A 18 5.44 1.08 -7.68
C GLY A 18 6.31 0.10 -6.91
N GLN A 19 5.81 -1.12 -6.74
CA GLN A 19 6.54 -2.14 -6.01
C GLN A 19 7.99 -2.23 -6.49
N ILE A 20 8.22 -1.81 -7.72
CA ILE A 20 9.56 -1.84 -8.31
C ILE A 20 10.00 -0.45 -8.75
N ALA A 21 9.05 0.49 -8.75
CA ALA A 21 9.33 1.86 -9.14
C ALA A 21 9.36 2.79 -7.93
N PRO A 22 9.91 4.00 -8.12
CA PRO A 22 10.01 5.00 -7.05
C PRO A 22 8.66 5.56 -6.66
N GLU A 23 7.62 5.15 -7.38
CA GLU A 23 6.26 5.63 -7.11
C GLU A 23 5.80 5.17 -5.72
N ASN A 24 6.23 3.97 -5.32
CA ASN A 24 5.85 3.41 -4.03
C ASN A 24 6.15 4.41 -2.91
N GLY A 25 5.10 5.04 -2.39
CA GLY A 25 5.26 6.00 -1.32
C GLY A 25 4.77 7.38 -1.70
N THR A 26 4.09 7.48 -2.83
CA THR A 26 3.56 8.74 -3.31
C THR A 26 2.14 8.98 -2.82
N GLN A 27 1.25 8.01 -3.10
CA GLN A 27 -0.14 8.11 -2.69
C GLN A 27 -0.46 7.08 -1.62
N THR A 28 0.48 6.17 -1.38
CA THR A 28 0.29 5.13 -0.38
C THR A 28 -0.07 5.71 0.98
N PRO A 29 -0.68 4.89 1.85
CA PRO A 29 -1.08 5.31 3.18
C PRO A 29 0.11 5.56 4.11
N SER A 30 0.89 6.59 3.79
CA SER A 30 2.06 6.93 4.59
C SER A 30 1.68 7.14 6.05
N PRO A 31 2.66 6.95 6.95
CA PRO A 31 2.46 7.12 8.39
C PRO A 31 2.24 8.58 8.78
N PRO A 32 1.80 8.79 10.03
CA PRO A 32 1.54 10.14 10.55
C PRO A 32 2.83 10.93 10.77
N SER A 33 2.87 12.14 10.24
CA SER A 33 4.04 13.00 10.37
C SER A 33 4.08 13.66 11.75
N GLU A 34 2.89 13.85 12.34
CA GLU A 34 2.79 14.48 13.65
C GLU A 34 3.24 13.52 14.75
N LYS A 35 3.11 12.22 14.49
CA LYS A 35 3.51 11.21 15.46
C LYS A 35 4.81 10.53 15.04
N LYS A 1 -15.38 -12.17 4.74
CA LYS A 1 -14.54 -11.46 3.77
C LYS A 1 -13.84 -10.28 4.43
N VAL A 2 -12.71 -10.55 5.08
CA VAL A 2 -11.95 -9.51 5.75
C VAL A 2 -10.48 -9.91 5.88
N GLY A 3 -10.25 -11.19 6.18
CA GLY A 3 -8.89 -11.67 6.33
C GLY A 3 -8.18 -11.83 5.00
N PHE A 4 -8.94 -11.74 3.91
CA PHE A 4 -8.39 -11.89 2.58
C PHE A 4 -7.85 -10.55 2.06
N PHE A 5 -8.60 -9.48 2.33
CA PHE A 5 -8.21 -8.15 1.88
C PHE A 5 -6.99 -7.66 2.66
N LYS A 6 -6.89 -8.07 3.92
CA LYS A 6 -5.79 -7.68 4.78
C LYS A 6 -4.45 -8.02 4.12
N ARG A 7 -4.43 -9.11 3.36
CA ARG A 7 -3.22 -9.55 2.67
C ARG A 7 -3.34 -9.35 1.16
N GLN A 8 -4.58 -9.22 0.69
CA GLN A 8 -4.83 -9.02 -0.73
C GLN A 8 -4.83 -7.54 -1.09
N TYR A 9 -5.54 -6.75 -0.28
CA TYR A 9 -5.62 -5.31 -0.52
C TYR A 9 -4.25 -4.65 -0.38
N LYS A 10 -3.51 -5.05 0.64
CA LYS A 10 -2.19 -4.50 0.88
C LYS A 10 -1.20 -4.95 -0.20
N GLU A 11 -1.38 -6.17 -0.69
CA GLU A 11 -0.52 -6.72 -1.72
C GLU A 11 -0.84 -6.11 -3.08
N MET A 12 -2.12 -5.84 -3.32
CA MET A 12 -2.57 -5.26 -4.58
C MET A 12 -2.28 -3.76 -4.62
N MET A 13 -2.11 -3.17 -3.44
CA MET A 13 -1.82 -1.74 -3.34
C MET A 13 -0.32 -1.47 -3.49
N GLU A 14 0.49 -2.37 -2.94
CA GLU A 14 1.94 -2.23 -3.01
C GLU A 14 2.46 -2.59 -4.39
N GLU A 15 1.72 -3.44 -5.10
CA GLU A 15 2.10 -3.86 -6.43
C GLU A 15 1.76 -2.80 -7.47
N ALA A 16 0.68 -2.05 -7.20
CA ALA A 16 0.25 -0.99 -8.10
C ALA A 16 0.80 0.36 -7.67
N ASN A 17 1.42 0.39 -6.49
CA ASN A 17 1.99 1.63 -5.96
C ASN A 17 3.41 1.83 -6.48
N GLY A 18 3.96 0.80 -7.11
CA GLY A 18 5.31 0.88 -7.65
C GLY A 18 6.23 -0.15 -7.06
N GLN A 19 5.74 -1.38 -6.94
CA GLN A 19 6.54 -2.47 -6.37
C GLN A 19 7.92 -2.51 -7.00
N ILE A 20 8.03 -2.00 -8.22
CA ILE A 20 9.30 -1.98 -8.94
C ILE A 20 9.69 -0.55 -9.31
N ALA A 21 8.76 0.38 -9.14
CA ALA A 21 9.01 1.79 -9.45
C ALA A 21 9.16 2.60 -8.18
N PRO A 22 9.71 3.82 -8.32
CA PRO A 22 9.93 4.73 -7.19
C PRO A 22 8.62 5.29 -6.64
N GLU A 23 7.51 4.96 -7.31
CA GLU A 23 6.20 5.43 -6.89
C GLU A 23 5.86 4.89 -5.50
N ASN A 24 6.32 3.68 -5.20
CA ASN A 24 6.05 3.05 -3.92
C ASN A 24 6.54 3.94 -2.78
N GLY A 25 5.59 4.60 -2.10
CA GLY A 25 5.93 5.47 -1.00
C GLY A 25 5.54 6.91 -1.25
N THR A 26 5.08 7.18 -2.47
CA THR A 26 4.68 8.54 -2.84
C THR A 26 3.21 8.77 -2.56
N GLN A 27 2.37 7.83 -2.99
CA GLN A 27 0.93 7.94 -2.78
C GLN A 27 0.45 6.88 -1.78
N THR A 28 1.35 5.98 -1.40
CA THR A 28 1.01 4.93 -0.45
C THR A 28 0.27 5.48 0.76
N PRO A 29 -0.51 4.62 1.43
CA PRO A 29 -1.29 5.00 2.60
C PRO A 29 -0.41 5.28 3.82
N SER A 30 0.35 6.36 3.75
CA SER A 30 1.25 6.74 4.84
C SER A 30 0.48 7.45 5.96
N PRO A 31 1.02 7.38 7.17
CA PRO A 31 0.41 8.01 8.35
C PRO A 31 0.47 9.53 8.30
N PRO A 32 -0.28 10.19 9.18
CA PRO A 32 -0.33 11.67 9.25
C PRO A 32 0.98 12.26 9.77
N SER A 33 1.11 13.58 9.67
CA SER A 33 2.31 14.26 10.12
C SER A 33 2.36 14.31 11.64
N GLU A 34 1.19 14.31 12.27
CA GLU A 34 1.10 14.36 13.73
C GLU A 34 1.37 12.98 14.33
N LYS A 35 1.11 11.94 13.56
CA LYS A 35 1.32 10.57 14.02
C LYS A 35 0.46 10.25 15.23
N LYS A 1 -15.61 -12.09 4.60
CA LYS A 1 -14.76 -11.41 3.63
C LYS A 1 -14.04 -10.23 4.28
N VAL A 2 -12.92 -10.50 4.93
CA VAL A 2 -12.15 -9.46 5.59
C VAL A 2 -10.67 -9.86 5.71
N GLY A 3 -10.45 -11.13 6.03
CA GLY A 3 -9.09 -11.62 6.17
C GLY A 3 -8.37 -11.75 4.84
N PHE A 4 -9.13 -11.66 3.75
CA PHE A 4 -8.56 -11.76 2.41
C PHE A 4 -8.02 -10.42 1.94
N PHE A 5 -8.78 -9.35 2.21
CA PHE A 5 -8.38 -8.00 1.82
C PHE A 5 -7.14 -7.56 2.58
N LYS A 6 -7.04 -8.00 3.84
CA LYS A 6 -5.91 -7.64 4.69
C LYS A 6 -4.59 -7.98 4.00
N ARG A 7 -4.59 -9.05 3.21
CA ARG A 7 -3.40 -9.49 2.51
C ARG A 7 -3.53 -9.23 1.01
N GLN A 8 -4.76 -9.06 0.54
CA GLN A 8 -5.02 -8.80 -0.87
C GLN A 8 -5.01 -7.30 -1.16
N TYR A 9 -5.68 -6.53 -0.31
CA TYR A 9 -5.74 -5.09 -0.49
C TYR A 9 -4.36 -4.46 -0.34
N LYS A 10 -3.61 -4.92 0.65
CA LYS A 10 -2.27 -4.41 0.90
C LYS A 10 -1.32 -4.78 -0.24
N GLU A 11 -1.57 -5.94 -0.85
CA GLU A 11 -0.74 -6.41 -1.95
C GLU A 11 -1.08 -5.66 -3.24
N MET A 12 -2.35 -5.34 -3.41
CA MET A 12 -2.81 -4.62 -4.59
C MET A 12 -2.48 -3.14 -4.50
N MET A 13 -2.27 -2.66 -3.27
CA MET A 13 -1.94 -1.25 -3.05
C MET A 13 -0.45 -1.03 -3.19
N GLU A 14 0.35 -1.99 -2.75
CA GLU A 14 1.80 -1.89 -2.82
C GLU A 14 2.29 -2.13 -4.25
N GLU A 15 1.51 -2.88 -5.02
CA GLU A 15 1.87 -3.19 -6.40
C GLU A 15 1.54 -2.01 -7.32
N ALA A 16 0.50 -1.28 -6.98
CA ALA A 16 0.08 -0.12 -7.77
C ALA A 16 0.71 1.17 -7.23
N ASN A 17 1.32 1.07 -6.05
CA ASN A 17 1.96 2.22 -5.43
C ASN A 17 3.38 2.40 -5.94
N GLY A 18 3.87 1.39 -6.66
CA GLY A 18 5.23 1.47 -7.19
C GLY A 18 6.10 0.33 -6.69
N GLN A 19 5.54 -0.88 -6.64
CA GLN A 19 6.29 -2.04 -6.17
C GLN A 19 7.65 -2.12 -6.82
N ILE A 20 7.78 -1.52 -8.01
CA ILE A 20 9.04 -1.52 -8.74
C ILE A 20 9.52 -0.09 -9.00
N ALA A 21 8.64 0.87 -8.77
CA ALA A 21 8.98 2.28 -8.98
C ALA A 21 9.18 3.00 -7.65
N PRO A 22 9.79 4.19 -7.71
CA PRO A 22 10.06 5.00 -6.53
C PRO A 22 8.79 5.58 -5.91
N GLU A 23 7.66 5.35 -6.59
CA GLU A 23 6.37 5.86 -6.11
C GLU A 23 6.02 5.25 -4.76
N ASN A 24 6.41 3.98 -4.57
CA ASN A 24 6.13 3.28 -3.33
C ASN A 24 6.64 4.06 -2.13
N GLY A 25 5.74 4.71 -1.41
CA GLY A 25 6.13 5.49 -0.24
C GLY A 25 5.80 6.96 -0.39
N THR A 26 5.34 7.34 -1.59
CA THR A 26 4.99 8.73 -1.85
C THR A 26 3.53 9.01 -1.54
N GLN A 27 2.64 8.14 -2.03
CA GLN A 27 1.21 8.29 -1.79
C GLN A 27 0.70 7.19 -0.86
N THR A 28 1.56 6.23 -0.55
CA THR A 28 1.19 5.12 0.32
C THR A 28 0.49 5.63 1.58
N PRO A 29 -0.33 4.76 2.18
CA PRO A 29 -1.08 5.09 3.41
C PRO A 29 -0.17 5.24 4.62
N SER A 30 0.64 6.29 4.62
CA SER A 30 1.56 6.54 5.72
C SER A 30 0.81 6.66 7.05
N PRO A 31 1.51 6.39 8.15
CA PRO A 31 0.93 6.47 9.49
C PRO A 31 0.63 7.90 9.92
N PRO A 32 -0.13 8.05 11.02
CA PRO A 32 -0.50 9.37 11.55
C PRO A 32 0.69 10.10 12.16
N SER A 33 1.62 9.34 12.72
CA SER A 33 2.81 9.92 13.34
C SER A 33 3.66 10.66 12.31
N GLU A 34 3.55 10.24 11.05
CA GLU A 34 4.30 10.85 9.97
C GLU A 34 3.41 11.80 9.15
N LYS A 35 2.12 11.53 9.15
CA LYS A 35 1.17 12.34 8.42
C LYS A 35 1.01 13.72 9.07
N LYS A 1 -15.68 -11.83 4.46
CA LYS A 1 -14.85 -11.08 3.53
C LYS A 1 -14.05 -10.01 4.27
N VAL A 2 -12.92 -10.40 4.85
CA VAL A 2 -12.06 -9.48 5.57
C VAL A 2 -10.61 -9.96 5.59
N GLY A 3 -10.44 -11.27 5.76
CA GLY A 3 -9.11 -11.84 5.80
C GLY A 3 -8.47 -11.91 4.42
N PHE A 4 -9.26 -11.67 3.39
CA PHE A 4 -8.77 -11.71 2.01
C PHE A 4 -8.19 -10.36 1.61
N PHE A 5 -8.86 -9.29 2.01
CA PHE A 5 -8.42 -7.94 1.68
C PHE A 5 -7.14 -7.59 2.44
N LYS A 6 -7.01 -8.14 3.65
CA LYS A 6 -5.85 -7.89 4.48
C LYS A 6 -4.57 -8.23 3.74
N ARG A 7 -4.64 -9.23 2.88
CA ARG A 7 -3.49 -9.67 2.10
C ARG A 7 -3.66 -9.32 0.63
N GLN A 8 -4.90 -9.07 0.22
CA GLN A 8 -5.20 -8.72 -1.16
C GLN A 8 -5.13 -7.21 -1.38
N TYR A 9 -5.75 -6.47 -0.47
CA TYR A 9 -5.77 -5.01 -0.56
C TYR A 9 -4.36 -4.44 -0.42
N LYS A 10 -3.59 -4.98 0.52
CA LYS A 10 -2.23 -4.53 0.76
C LYS A 10 -1.33 -4.92 -0.42
N GLU A 11 -1.60 -6.08 -1.01
CA GLU A 11 -0.81 -6.57 -2.14
C GLU A 11 -1.23 -5.88 -3.43
N MET A 12 -2.45 -5.34 -3.44
CA MET A 12 -2.97 -4.66 -4.62
C MET A 12 -2.54 -3.19 -4.63
N MET A 13 -2.31 -2.64 -3.44
CA MET A 13 -1.91 -1.25 -3.31
C MET A 13 -0.38 -1.11 -3.44
N GLU A 14 0.33 -2.15 -3.02
CA GLU A 14 1.79 -2.15 -3.09
C GLU A 14 2.27 -2.52 -4.48
N GLU A 15 1.42 -3.24 -5.22
CA GLU A 15 1.76 -3.67 -6.57
C GLU A 15 1.52 -2.55 -7.58
N ALA A 16 0.52 -1.72 -7.29
CA ALA A 16 0.18 -0.61 -8.17
C ALA A 16 0.87 0.67 -7.72
N ASN A 17 1.49 0.64 -6.54
CA ASN A 17 2.19 1.80 -6.00
C ASN A 17 3.62 1.87 -6.53
N GLY A 18 4.06 0.79 -7.18
CA GLY A 18 5.40 0.76 -7.73
C GLY A 18 6.23 -0.39 -7.16
N GLN A 19 5.62 -1.56 -7.06
CA GLN A 19 6.30 -2.73 -6.53
C GLN A 19 7.68 -2.89 -7.18
N ILE A 20 7.83 -2.36 -8.38
CA ILE A 20 9.09 -2.45 -9.11
C ILE A 20 9.63 -1.06 -9.44
N ALA A 21 8.79 -0.04 -9.25
CA ALA A 21 9.18 1.33 -9.53
C ALA A 21 9.41 2.11 -8.24
N PRO A 22 10.08 3.27 -8.36
CA PRO A 22 10.39 4.13 -7.21
C PRO A 22 9.14 4.79 -6.63
N GLU A 23 8.01 4.60 -7.31
CA GLU A 23 6.75 5.19 -6.87
C GLU A 23 6.36 4.65 -5.49
N ASN A 24 6.69 3.39 -5.23
CA ASN A 24 6.37 2.75 -3.96
C ASN A 24 6.94 3.57 -2.79
N GLY A 25 6.07 4.29 -2.11
CA GLY A 25 6.49 5.09 -0.98
C GLY A 25 6.26 6.58 -1.20
N THR A 26 5.82 6.93 -2.41
CA THR A 26 5.55 8.32 -2.75
C THR A 26 4.11 8.69 -2.44
N GLN A 27 3.18 7.86 -2.89
CA GLN A 27 1.76 8.10 -2.66
C GLN A 27 1.17 7.08 -1.69
N THR A 28 1.99 6.09 -1.32
CA THR A 28 1.55 5.05 -0.41
C THR A 28 0.87 5.65 0.82
N PRO A 29 0.01 4.84 1.46
CA PRO A 29 -0.73 5.27 2.65
C PRO A 29 0.18 5.43 3.87
N SER A 30 1.04 6.44 3.83
CA SER A 30 1.97 6.69 4.92
C SER A 30 1.22 6.91 6.23
N PRO A 31 1.90 6.65 7.36
CA PRO A 31 1.32 6.81 8.69
C PRO A 31 1.09 8.27 9.05
N PRO A 32 0.34 8.51 10.14
CA PRO A 32 0.03 9.86 10.61
C PRO A 32 1.25 10.56 11.19
N SER A 33 2.02 11.23 10.33
CA SER A 33 3.21 11.94 10.76
C SER A 33 2.85 13.27 11.41
N GLU A 34 1.71 13.83 11.02
CA GLU A 34 1.25 15.09 11.56
C GLU A 34 0.05 14.90 12.48
N LYS A 35 -0.70 13.83 12.23
CA LYS A 35 -1.88 13.52 13.04
C LYS A 35 -2.66 14.79 13.37
N LYS A 1 -15.53 -11.64 4.89
CA LYS A 1 -14.68 -10.95 3.94
C LYS A 1 -13.86 -9.87 4.63
N VAL A 2 -12.74 -10.26 5.22
CA VAL A 2 -11.86 -9.34 5.92
C VAL A 2 -10.43 -9.86 5.97
N GLY A 3 -10.28 -11.17 6.19
CA GLY A 3 -8.97 -11.76 6.26
C GLY A 3 -8.33 -11.91 4.89
N PHE A 4 -9.12 -11.69 3.84
CA PHE A 4 -8.62 -11.81 2.48
C PHE A 4 -8.00 -10.49 2.02
N PHE A 5 -8.64 -9.38 2.36
CA PHE A 5 -8.15 -8.06 1.99
C PHE A 5 -6.87 -7.72 2.74
N LYS A 6 -6.77 -8.21 3.97
CA LYS A 6 -5.59 -7.95 4.80
C LYS A 6 -4.32 -8.37 4.07
N ARG A 7 -4.41 -9.41 3.26
CA ARG A 7 -3.27 -9.91 2.50
C ARG A 7 -3.43 -9.61 1.01
N GLN A 8 -4.66 -9.34 0.60
CA GLN A 8 -4.95 -9.05 -0.80
C GLN A 8 -4.84 -7.55 -1.07
N TYR A 9 -5.44 -6.75 -0.18
CA TYR A 9 -5.42 -5.30 -0.33
C TYR A 9 -4.00 -4.76 -0.17
N LYS A 10 -3.25 -5.33 0.76
CA LYS A 10 -1.88 -4.90 1.00
C LYS A 10 -0.98 -5.27 -0.17
N GLU A 11 -1.28 -6.40 -0.82
CA GLU A 11 -0.50 -6.85 -1.96
C GLU A 11 -0.91 -6.11 -3.23
N MET A 12 -2.15 -5.64 -3.26
CA MET A 12 -2.68 -4.93 -4.42
C MET A 12 -2.29 -3.45 -4.35
N MET A 13 -1.97 -2.98 -3.16
CA MET A 13 -1.58 -1.58 -2.96
C MET A 13 -0.10 -1.39 -3.21
N GLU A 14 0.70 -2.39 -2.82
CA GLU A 14 2.14 -2.32 -3.00
C GLU A 14 2.53 -2.60 -4.45
N GLU A 15 1.67 -3.33 -5.15
CA GLU A 15 1.92 -3.67 -6.55
C GLU A 15 1.57 -2.49 -7.47
N ALA A 16 0.57 -1.71 -7.06
CA ALA A 16 0.14 -0.56 -7.83
C ALA A 16 0.84 0.71 -7.36
N ASN A 17 1.53 0.62 -6.22
CA ASN A 17 2.23 1.76 -5.66
C ASN A 17 3.62 1.89 -6.27
N GLY A 18 4.04 0.87 -7.00
CA GLY A 18 5.35 0.88 -7.62
C GLY A 18 6.22 -0.26 -7.16
N GLN A 19 5.65 -1.45 -7.07
CA GLN A 19 6.38 -2.64 -6.64
C GLN A 19 7.71 -2.75 -7.37
N ILE A 20 7.77 -2.16 -8.57
CA ILE A 20 8.98 -2.20 -9.37
C ILE A 20 9.49 -0.79 -9.68
N ALA A 21 8.66 0.20 -9.38
CA ALA A 21 9.02 1.59 -9.62
C ALA A 21 9.31 2.32 -8.31
N PRO A 22 9.95 3.49 -8.41
CA PRO A 22 10.31 4.30 -7.24
C PRO A 22 9.09 4.91 -6.56
N GLU A 23 7.92 4.71 -7.17
CA GLU A 23 6.67 5.24 -6.62
C GLU A 23 6.36 4.61 -5.26
N ASN A 24 6.78 3.36 -5.09
CA ASN A 24 6.54 2.64 -3.84
C ASN A 24 7.08 3.43 -2.65
N GLY A 25 6.18 4.05 -1.90
CA GLY A 25 6.58 4.82 -0.75
C GLY A 25 6.22 6.29 -0.87
N THR A 26 5.84 6.70 -2.08
CA THR A 26 5.47 8.08 -2.33
C THR A 26 3.97 8.29 -2.14
N GLN A 27 3.19 7.30 -2.53
CA GLN A 27 1.73 7.37 -2.40
C GLN A 27 1.23 6.40 -1.34
N THR A 28 2.15 5.62 -0.77
CA THR A 28 1.79 4.65 0.25
C THR A 28 0.85 5.26 1.29
N PRO A 29 -0.05 4.42 1.82
CA PRO A 29 -1.03 4.86 2.83
C PRO A 29 -0.37 5.17 4.17
N SER A 30 0.48 6.19 4.19
CA SER A 30 1.17 6.60 5.41
C SER A 30 0.34 7.58 6.22
N PRO A 31 0.58 7.63 7.54
CA PRO A 31 -0.14 8.54 8.45
C PRO A 31 0.23 10.00 8.21
N PRO A 32 -0.56 10.90 8.81
CA PRO A 32 -0.34 12.34 8.70
C PRO A 32 0.91 12.81 9.43
N SER A 33 1.28 14.06 9.24
CA SER A 33 2.46 14.63 9.88
C SER A 33 2.18 14.99 11.33
N GLU A 34 0.91 15.29 11.62
CA GLU A 34 0.50 15.65 12.97
C GLU A 34 0.18 14.40 13.80
N LYS A 35 -0.21 13.34 13.12
CA LYS A 35 -0.54 12.09 13.79
C LYS A 35 -1.61 12.31 14.86
N LYS A 1 -15.64 -13.17 3.90
CA LYS A 1 -14.77 -12.41 3.01
C LYS A 1 -14.12 -11.24 3.74
N VAL A 2 -13.02 -11.52 4.43
CA VAL A 2 -12.31 -10.49 5.18
C VAL A 2 -10.84 -10.87 5.36
N GLY A 3 -10.59 -12.15 5.62
CA GLY A 3 -9.23 -12.62 5.81
C GLY A 3 -8.46 -12.72 4.50
N PHE A 4 -9.18 -12.61 3.39
CA PHE A 4 -8.56 -12.69 2.07
C PHE A 4 -8.03 -11.32 1.64
N PHE A 5 -8.81 -10.28 1.89
CA PHE A 5 -8.42 -8.93 1.53
C PHE A 5 -7.25 -8.45 2.38
N LYS A 6 -7.21 -8.91 3.62
CA LYS A 6 -6.14 -8.53 4.54
C LYS A 6 -4.77 -8.81 3.93
N ARG A 7 -4.69 -9.88 3.14
CA ARG A 7 -3.44 -10.26 2.50
C ARG A 7 -3.50 -10.01 0.99
N GLN A 8 -4.71 -9.88 0.47
CA GLN A 8 -4.91 -9.64 -0.95
C GLN A 8 -4.94 -8.14 -1.25
N TYR A 9 -5.69 -7.40 -0.44
CA TYR A 9 -5.80 -5.96 -0.63
C TYR A 9 -4.46 -5.27 -0.37
N LYS A 10 -3.74 -5.77 0.62
CA LYS A 10 -2.44 -5.20 0.97
C LYS A 10 -1.41 -5.48 -0.12
N GLU A 11 -1.54 -6.63 -0.77
CA GLU A 11 -0.62 -7.02 -1.84
C GLU A 11 -1.00 -6.33 -3.15
N MET A 12 -2.28 -6.00 -3.29
CA MET A 12 -2.77 -5.34 -4.50
C MET A 12 -2.55 -3.84 -4.42
N MET A 13 -2.38 -3.33 -3.22
CA MET A 13 -2.15 -1.90 -3.01
C MET A 13 -0.67 -1.56 -3.14
N GLU A 14 0.18 -2.46 -2.67
CA GLU A 14 1.62 -2.25 -2.73
C GLU A 14 2.15 -2.50 -4.14
N GLU A 15 1.43 -3.32 -4.90
CA GLU A 15 1.83 -3.63 -6.27
C GLU A 15 1.44 -2.50 -7.23
N ALA A 16 0.34 -1.83 -6.91
CA ALA A 16 -0.14 -0.73 -7.73
C ALA A 16 0.38 0.61 -7.22
N ASN A 17 0.98 0.59 -6.03
CA ASN A 17 1.51 1.81 -5.43
C ASN A 17 2.93 2.07 -5.92
N GLY A 18 3.51 1.09 -6.61
CA GLY A 18 4.86 1.23 -7.12
C GLY A 18 5.80 0.19 -6.57
N GLN A 19 5.34 -1.05 -6.51
CA GLN A 19 6.15 -2.15 -6.00
C GLN A 19 7.54 -2.14 -6.62
N ILE A 20 7.63 -1.57 -7.83
CA ILE A 20 8.91 -1.49 -8.54
C ILE A 20 9.28 -0.05 -8.84
N ALA A 21 8.33 0.86 -8.63
CA ALA A 21 8.57 2.28 -8.87
C ALA A 21 8.70 3.06 -7.56
N PRO A 22 9.22 4.28 -7.65
CA PRO A 22 9.41 5.14 -6.48
C PRO A 22 8.08 5.64 -5.90
N GLU A 23 6.98 5.31 -6.58
CA GLU A 23 5.66 5.73 -6.14
C GLU A 23 5.33 5.12 -4.78
N ASN A 24 5.81 3.91 -4.54
CA ASN A 24 5.57 3.22 -3.29
C ASN A 24 6.04 4.07 -2.10
N GLY A 25 5.09 4.68 -1.40
CA GLY A 25 5.43 5.50 -0.25
C GLY A 25 5.01 6.96 -0.45
N THR A 26 4.71 7.31 -1.69
CA THR A 26 4.31 8.68 -2.00
C THR A 26 2.79 8.82 -1.98
N GLN A 27 2.10 7.87 -2.63
CA GLN A 27 0.64 7.89 -2.68
C GLN A 27 0.04 7.22 -1.45
N THR A 28 0.78 6.28 -0.87
CA THR A 28 0.32 5.57 0.31
C THR A 28 -0.15 6.53 1.40
N PRO A 29 -0.93 6.01 2.35
CA PRO A 29 -1.46 6.81 3.45
C PRO A 29 -0.38 7.24 4.44
N SER A 30 0.56 8.04 3.97
CA SER A 30 1.66 8.51 4.81
C SER A 30 1.13 9.19 6.07
N PRO A 31 1.96 9.20 7.13
CA PRO A 31 1.59 9.81 8.41
C PRO A 31 1.51 11.33 8.33
N PRO A 32 0.95 11.94 9.38
CA PRO A 32 0.80 13.41 9.45
C PRO A 32 2.14 14.11 9.63
N SER A 33 2.09 15.41 9.88
CA SER A 33 3.30 16.21 10.07
C SER A 33 3.94 15.91 11.43
N GLU A 34 3.11 15.48 12.38
CA GLU A 34 3.59 15.17 13.72
C GLU A 34 3.62 13.66 13.95
N LYS A 35 3.69 12.91 12.85
CA LYS A 35 3.74 11.45 12.92
C LYS A 35 2.46 10.90 13.54
N LYS A 1 -15.57 -13.35 3.46
CA LYS A 1 -14.69 -12.58 2.59
C LYS A 1 -14.13 -11.35 3.31
N VAL A 2 -13.05 -11.56 4.06
CA VAL A 2 -12.42 -10.47 4.80
C VAL A 2 -10.95 -10.76 5.05
N GLY A 3 -10.63 -12.01 5.36
CA GLY A 3 -9.26 -12.39 5.62
C GLY A 3 -8.43 -12.44 4.36
N PHE A 4 -9.09 -12.38 3.21
CA PHE A 4 -8.39 -12.41 1.92
C PHE A 4 -7.93 -11.01 1.52
N PHE A 5 -8.78 -10.02 1.76
CA PHE A 5 -8.45 -8.63 1.42
C PHE A 5 -7.35 -8.11 2.32
N LYS A 6 -7.33 -8.57 3.56
CA LYS A 6 -6.32 -8.14 4.53
C LYS A 6 -4.91 -8.37 3.97
N ARG A 7 -4.76 -9.40 3.17
CA ARG A 7 -3.47 -9.73 2.58
C ARG A 7 -3.48 -9.48 1.07
N GLN A 8 -4.68 -9.38 0.50
CA GLN A 8 -4.82 -9.14 -0.92
C GLN A 8 -4.90 -7.65 -1.23
N TYR A 9 -5.70 -6.93 -0.44
CA TYR A 9 -5.87 -5.51 -0.62
C TYR A 9 -4.57 -4.75 -0.31
N LYS A 10 -3.89 -5.18 0.76
CA LYS A 10 -2.64 -4.57 1.16
C LYS A 10 -1.53 -4.86 0.15
N GLU A 11 -1.52 -6.09 -0.36
CA GLU A 11 -0.51 -6.51 -1.33
C GLU A 11 -0.84 -5.94 -2.72
N MET A 12 -2.11 -5.65 -2.94
CA MET A 12 -2.56 -5.11 -4.23
C MET A 12 -2.37 -3.59 -4.28
N MET A 13 -2.30 -2.97 -3.10
CA MET A 13 -2.12 -1.53 -3.01
C MET A 13 -0.64 -1.16 -3.06
N GLU A 14 0.19 -2.01 -2.46
CA GLU A 14 1.63 -1.77 -2.44
C GLU A 14 2.26 -2.13 -3.79
N GLU A 15 1.61 -3.02 -4.52
CA GLU A 15 2.11 -3.46 -5.82
C GLU A 15 1.76 -2.44 -6.90
N ALA A 16 0.64 -1.75 -6.72
CA ALA A 16 0.20 -0.74 -7.68
C ALA A 16 0.66 0.66 -7.26
N ASN A 17 1.16 0.77 -6.03
CA ASN A 17 1.63 2.04 -5.51
C ASN A 17 3.08 2.29 -5.91
N GLY A 18 3.72 1.27 -6.48
CA GLY A 18 5.10 1.40 -6.90
C GLY A 18 6.02 0.42 -6.19
N GLN A 19 5.57 -0.82 -6.05
CA GLN A 19 6.36 -1.84 -5.38
C GLN A 19 7.78 -1.86 -5.90
N ILE A 20 7.97 -1.40 -7.13
CA ILE A 20 9.29 -1.35 -7.75
C ILE A 20 9.66 0.07 -8.14
N ALA A 21 8.69 0.97 -8.09
CA ALA A 21 8.93 2.37 -8.44
C ALA A 21 8.96 3.24 -7.18
N PRO A 22 9.46 4.47 -7.34
CA PRO A 22 9.56 5.44 -6.23
C PRO A 22 8.20 5.95 -5.78
N GLU A 23 7.15 5.54 -6.49
CA GLU A 23 5.80 5.95 -6.16
C GLU A 23 5.38 5.42 -4.79
N ASN A 24 5.86 4.22 -4.46
CA ASN A 24 5.54 3.61 -3.18
C ASN A 24 5.83 4.56 -2.03
N GLY A 25 4.78 5.14 -1.45
CA GLY A 25 4.94 6.06 -0.35
C GLY A 25 4.40 7.43 -0.66
N THR A 26 3.67 7.55 -1.77
CA THR A 26 3.10 8.83 -2.17
C THR A 26 1.69 9.00 -1.64
N GLN A 27 0.82 8.03 -1.93
CA GLN A 27 -0.56 8.07 -1.46
C GLN A 27 -0.82 6.98 -0.43
N THR A 28 0.15 6.09 -0.25
CA THR A 28 0.03 5.01 0.71
C THR A 28 -0.31 5.53 2.09
N PRO A 29 -0.87 4.66 2.95
CA PRO A 29 -1.24 5.01 4.32
C PRO A 29 -0.03 5.25 5.21
N SER A 30 0.71 6.32 4.91
CA SER A 30 1.90 6.66 5.68
C SER A 30 1.57 6.80 7.17
N PRO A 31 2.58 6.60 8.02
CA PRO A 31 2.41 6.71 9.48
C PRO A 31 2.17 8.13 9.93
N PRO A 32 1.77 8.29 11.20
CA PRO A 32 1.49 9.61 11.80
C PRO A 32 2.77 10.42 12.00
N SER A 33 3.91 9.74 12.01
CA SER A 33 5.19 10.40 12.21
C SER A 33 5.69 11.02 10.90
N GLU A 34 5.25 10.45 9.78
CA GLU A 34 5.65 10.95 8.47
C GLU A 34 4.56 11.83 7.87
N LYS A 35 3.32 11.59 8.28
CA LYS A 35 2.19 12.36 7.79
C LYS A 35 2.09 12.27 6.27
N LYS A 1 -15.30 -11.35 5.28
CA LYS A 1 -14.48 -10.76 4.24
C LYS A 1 -13.68 -9.58 4.78
N VAL A 2 -12.52 -9.89 5.36
CA VAL A 2 -11.65 -8.86 5.93
C VAL A 2 -10.20 -9.33 5.96
N GLY A 3 -10.01 -10.60 6.30
CA GLY A 3 -8.66 -11.14 6.37
C GLY A 3 -8.04 -11.33 5.00
N PHE A 4 -8.87 -11.23 3.96
CA PHE A 4 -8.40 -11.40 2.59
C PHE A 4 -7.83 -10.08 2.05
N PHE A 5 -8.52 -8.98 2.34
CA PHE A 5 -8.09 -7.67 1.88
C PHE A 5 -6.79 -7.25 2.56
N LYS A 6 -6.62 -7.68 3.81
CA LYS A 6 -5.42 -7.35 4.57
C LYS A 6 -4.16 -7.76 3.81
N ARG A 7 -4.26 -8.85 3.06
CA ARG A 7 -3.13 -9.35 2.28
C ARG A 7 -3.36 -9.12 0.79
N GLN A 8 -4.62 -8.91 0.41
CA GLN A 8 -4.96 -8.68 -0.99
C GLN A 8 -4.90 -7.18 -1.32
N TYR A 9 -5.49 -6.37 -0.46
CA TYR A 9 -5.50 -4.92 -0.66
C TYR A 9 -4.09 -4.35 -0.62
N LYS A 10 -3.28 -4.84 0.33
CA LYS A 10 -1.91 -4.37 0.48
C LYS A 10 -1.06 -4.84 -0.70
N GLU A 11 -1.41 -5.99 -1.26
CA GLU A 11 -0.67 -6.53 -2.40
C GLU A 11 -1.04 -5.82 -3.69
N MET A 12 -2.31 -5.45 -3.82
CA MET A 12 -2.80 -4.76 -5.00
C MET A 12 -2.40 -3.28 -4.97
N MET A 13 -2.11 -2.78 -3.77
CA MET A 13 -1.71 -1.39 -3.61
C MET A 13 -0.22 -1.21 -3.85
N GLU A 14 0.57 -2.19 -3.43
CA GLU A 14 2.01 -2.15 -3.60
C GLU A 14 2.40 -2.42 -5.05
N GLU A 15 1.56 -3.20 -5.74
CA GLU A 15 1.82 -3.53 -7.14
C GLU A 15 1.48 -2.36 -8.06
N ALA A 16 0.48 -1.57 -7.66
CA ALA A 16 0.06 -0.42 -8.44
C ALA A 16 0.76 0.85 -7.96
N ASN A 17 1.44 0.75 -6.83
CA ASN A 17 2.15 1.89 -6.25
C ASN A 17 3.54 2.03 -6.87
N GLY A 18 3.95 1.02 -7.61
CA GLY A 18 5.27 1.05 -8.25
C GLY A 18 6.17 -0.08 -7.78
N GLN A 19 5.61 -1.28 -7.67
CA GLN A 19 6.36 -2.44 -7.24
C GLN A 19 7.69 -2.54 -7.99
N ILE A 20 7.73 -1.97 -9.19
CA ILE A 20 8.93 -1.99 -10.01
C ILE A 20 9.41 -0.58 -10.31
N ALA A 21 8.58 0.41 -10.01
CA ALA A 21 8.92 1.81 -10.25
C ALA A 21 9.22 2.53 -8.95
N PRO A 22 9.85 3.71 -9.05
CA PRO A 22 10.19 4.53 -7.88
C PRO A 22 8.97 5.12 -7.20
N GLU A 23 7.80 4.91 -7.80
CA GLU A 23 6.56 5.42 -7.25
C GLU A 23 6.26 4.80 -5.88
N ASN A 24 6.67 3.56 -5.72
CA ASN A 24 6.45 2.84 -4.46
C ASN A 24 7.02 3.63 -3.28
N GLY A 25 6.13 4.26 -2.52
CA GLY A 25 6.57 5.03 -1.37
C GLY A 25 6.22 6.51 -1.50
N THR A 26 5.84 6.92 -2.71
CA THR A 26 5.49 8.31 -2.96
C THR A 26 3.99 8.53 -2.76
N GLN A 27 3.19 7.55 -3.16
CA GLN A 27 1.74 7.65 -3.02
C GLN A 27 1.23 6.67 -1.97
N THR A 28 2.13 5.88 -1.41
CA THR A 28 1.77 4.90 -0.39
C THR A 28 0.84 5.52 0.65
N PRO A 29 -0.07 4.69 1.19
CA PRO A 29 -1.04 5.13 2.20
C PRO A 29 -0.38 5.42 3.54
N SER A 30 0.48 6.44 3.56
CA SER A 30 1.17 6.83 4.79
C SER A 30 0.19 7.09 5.92
N PRO A 31 0.66 6.94 7.16
CA PRO A 31 -0.16 7.17 8.35
C PRO A 31 -0.51 8.64 8.55
N PRO A 32 -1.45 8.92 9.46
CA PRO A 32 -1.90 10.27 9.77
C PRO A 32 -0.83 11.08 10.49
N SER A 33 -1.04 12.39 10.59
CA SER A 33 -0.09 13.27 11.26
C SER A 33 -0.11 13.04 12.77
N GLU A 34 -1.25 12.60 13.28
CA GLU A 34 -1.41 12.34 14.70
C GLU A 34 -0.80 10.99 15.07
N LYS A 35 -0.77 10.08 14.11
CA LYS A 35 -0.22 8.75 14.33
C LYS A 35 -0.85 8.10 15.56
N LYS A 1 -15.73 -11.97 4.15
CA LYS A 1 -14.84 -11.36 3.18
C LYS A 1 -14.33 -10.02 3.68
N VAL A 2 -13.28 -10.05 4.49
CA VAL A 2 -12.69 -8.84 5.04
C VAL A 2 -11.23 -9.05 5.41
N GLY A 3 -10.94 -10.21 5.98
CA GLY A 3 -9.57 -10.52 6.37
C GLY A 3 -8.68 -10.84 5.19
N PHE A 4 -9.30 -11.03 4.02
CA PHE A 4 -8.55 -11.34 2.81
C PHE A 4 -8.06 -10.06 2.13
N PHE A 5 -8.94 -9.07 2.06
CA PHE A 5 -8.60 -7.79 1.43
C PHE A 5 -7.54 -7.05 2.24
N LYS A 6 -7.58 -7.23 3.55
CA LYS A 6 -6.62 -6.59 4.45
C LYS A 6 -5.18 -6.89 4.02
N ARG A 7 -4.97 -8.09 3.49
CA ARG A 7 -3.64 -8.51 3.04
C ARG A 7 -3.59 -8.57 1.52
N GLN A 8 -4.75 -8.66 0.89
CA GLN A 8 -4.84 -8.73 -0.57
C GLN A 8 -4.91 -7.34 -1.18
N TYR A 9 -5.78 -6.50 -0.62
CA TYR A 9 -5.95 -5.13 -1.11
C TYR A 9 -4.67 -4.33 -0.93
N LYS A 10 -4.03 -4.48 0.22
CA LYS A 10 -2.80 -3.75 0.52
C LYS A 10 -1.66 -4.23 -0.39
N GLU A 11 -1.71 -5.51 -0.77
CA GLU A 11 -0.68 -6.08 -1.63
C GLU A 11 -0.89 -5.64 -3.07
N MET A 12 -2.14 -5.52 -3.48
CA MET A 12 -2.47 -5.10 -4.84
C MET A 12 -2.24 -3.60 -5.01
N MET A 13 -2.32 -2.87 -3.92
CA MET A 13 -2.11 -1.42 -3.96
C MET A 13 -0.62 -1.08 -3.99
N GLU A 14 0.17 -1.85 -3.26
CA GLU A 14 1.61 -1.63 -3.21
C GLU A 14 2.27 -2.05 -4.53
N GLU A 15 1.71 -3.06 -5.17
CA GLU A 15 2.24 -3.56 -6.43
C GLU A 15 1.92 -2.60 -7.57
N ALA A 16 0.79 -1.91 -7.46
CA ALA A 16 0.36 -0.95 -8.48
C ALA A 16 0.81 0.46 -8.13
N ASN A 17 1.29 0.64 -6.90
CA ASN A 17 1.75 1.94 -6.44
C ASN A 17 3.21 2.18 -6.83
N GLY A 18 3.87 1.12 -7.32
CA GLY A 18 5.25 1.24 -7.72
C GLY A 18 6.16 0.31 -6.95
N GLN A 19 5.71 -0.92 -6.74
CA GLN A 19 6.49 -1.91 -6.01
C GLN A 19 7.93 -1.94 -6.51
N ILE A 20 8.12 -1.56 -7.77
CA ILE A 20 9.45 -1.55 -8.37
C ILE A 20 9.83 -0.14 -8.84
N ALA A 21 8.85 0.75 -8.86
CA ALA A 21 9.08 2.13 -9.29
C ALA A 21 9.09 3.08 -8.09
N PRO A 22 9.59 4.30 -8.32
CA PRO A 22 9.66 5.33 -7.27
C PRO A 22 8.29 5.86 -6.88
N GLU A 23 7.26 5.39 -7.58
CA GLU A 23 5.90 5.83 -7.31
C GLU A 23 5.46 5.39 -5.91
N ASN A 24 5.94 4.22 -5.49
CA ASN A 24 5.60 3.68 -4.17
C ASN A 24 5.86 4.72 -3.08
N GLY A 25 4.78 5.32 -2.58
CA GLY A 25 4.92 6.32 -1.54
C GLY A 25 4.41 7.69 -1.98
N THR A 26 3.52 7.70 -2.96
CA THR A 26 2.95 8.94 -3.47
C THR A 26 1.66 9.30 -2.76
N GLN A 27 0.63 8.47 -2.98
CA GLN A 27 -0.67 8.70 -2.36
C GLN A 27 -1.04 7.55 -1.44
N THR A 28 -0.18 6.53 -1.39
CA THR A 28 -0.42 5.36 -0.55
C THR A 28 -0.84 5.79 0.85
N PRO A 29 -1.68 4.95 1.49
CA PRO A 29 -2.19 5.21 2.84
C PRO A 29 -1.09 5.08 3.90
N SER A 30 -0.11 5.96 3.84
CA SER A 30 1.00 5.93 4.79
C SER A 30 0.55 6.45 6.15
N PRO A 31 1.27 6.02 7.21
CA PRO A 31 0.95 6.43 8.58
C PRO A 31 1.27 7.89 8.84
N PRO A 32 0.80 8.41 9.99
CA PRO A 32 1.03 9.81 10.37
C PRO A 32 2.48 10.08 10.74
N SER A 33 2.80 11.35 10.92
CA SER A 33 4.16 11.75 11.26
C SER A 33 4.52 11.31 12.68
N GLU A 34 3.49 11.03 13.48
CA GLU A 34 3.67 10.60 14.86
C GLU A 34 3.64 9.08 14.95
N LYS A 35 3.92 8.41 13.85
CA LYS A 35 3.92 6.96 13.81
C LYS A 35 4.99 6.39 14.74
N LYS A 1 -15.42 -12.68 4.48
CA LYS A 1 -14.58 -11.96 3.53
C LYS A 1 -13.86 -10.80 4.21
N VAL A 2 -12.73 -11.10 4.82
CA VAL A 2 -11.94 -10.08 5.51
C VAL A 2 -10.47 -10.47 5.58
N GLY A 3 -10.21 -11.75 5.82
CA GLY A 3 -8.85 -12.24 5.91
C GLY A 3 -8.17 -12.28 4.56
N PHE A 4 -8.95 -12.12 3.50
CA PHE A 4 -8.41 -12.15 2.14
C PHE A 4 -7.90 -10.77 1.73
N PHE A 5 -8.63 -9.74 2.11
CA PHE A 5 -8.25 -8.37 1.78
C PHE A 5 -7.01 -7.94 2.55
N LYS A 6 -6.88 -8.44 3.78
CA LYS A 6 -5.73 -8.12 4.62
C LYS A 6 -4.43 -8.43 3.90
N ARG A 7 -4.46 -9.45 3.04
CA ARG A 7 -3.27 -9.84 2.29
C ARG A 7 -3.43 -9.51 0.81
N GLN A 8 -4.67 -9.32 0.38
CA GLN A 8 -4.96 -9.00 -1.01
C GLN A 8 -4.96 -7.49 -1.23
N TYR A 9 -5.63 -6.77 -0.34
CA TYR A 9 -5.71 -5.32 -0.45
C TYR A 9 -4.32 -4.68 -0.29
N LYS A 10 -3.55 -5.19 0.65
CA LYS A 10 -2.21 -4.68 0.89
C LYS A 10 -1.26 -5.06 -0.25
N GLU A 11 -1.55 -6.20 -0.88
CA GLU A 11 -0.73 -6.67 -1.99
C GLU A 11 -1.10 -5.96 -3.29
N MET A 12 -2.36 -5.57 -3.40
CA MET A 12 -2.84 -4.88 -4.60
C MET A 12 -2.48 -3.39 -4.55
N MET A 13 -2.30 -2.88 -3.34
CA MET A 13 -1.95 -1.47 -3.16
C MET A 13 -0.44 -1.27 -3.27
N GLU A 14 0.32 -2.26 -2.81
CA GLU A 14 1.78 -2.19 -2.84
C GLU A 14 2.30 -2.51 -4.24
N GLU A 15 1.51 -3.26 -5.00
CA GLU A 15 1.89 -3.64 -6.36
C GLU A 15 1.62 -2.51 -7.35
N ALA A 16 0.59 -1.72 -7.05
CA ALA A 16 0.22 -0.60 -7.91
C ALA A 16 0.85 0.70 -7.41
N ASN A 17 1.43 0.66 -6.22
CA ASN A 17 2.07 1.82 -5.63
C ASN A 17 3.50 1.97 -6.12
N GLY A 18 4.01 0.92 -6.78
CA GLY A 18 5.36 0.96 -7.29
C GLY A 18 6.23 -0.13 -6.69
N GLN A 19 5.68 -1.34 -6.59
CA GLN A 19 6.40 -2.48 -6.03
C GLN A 19 7.79 -2.58 -6.65
N ILE A 20 7.93 -2.07 -7.87
CA ILE A 20 9.21 -2.11 -8.58
C ILE A 20 9.71 -0.70 -8.88
N ALA A 21 8.84 0.28 -8.71
CA ALA A 21 9.19 1.68 -8.97
C ALA A 21 9.36 2.45 -7.66
N PRO A 22 9.99 3.63 -7.76
CA PRO A 22 10.23 4.50 -6.60
C PRO A 22 8.94 5.11 -6.05
N GLU A 23 7.84 4.86 -6.75
CA GLU A 23 6.55 5.39 -6.33
C GLU A 23 6.14 4.84 -4.97
N ASN A 24 6.49 3.57 -4.73
CA ASN A 24 6.15 2.93 -3.46
C ASN A 24 6.66 3.75 -2.28
N GLY A 25 5.74 4.44 -1.61
CA GLY A 25 6.11 5.25 -0.47
C GLY A 25 5.82 6.72 -0.69
N THR A 26 5.40 7.07 -1.89
CA THR A 26 5.08 8.45 -2.23
C THR A 26 3.61 8.76 -1.97
N GLN A 27 2.73 7.88 -2.45
CA GLN A 27 1.30 8.07 -2.27
C GLN A 27 0.74 7.01 -1.32
N THR A 28 1.58 6.05 -0.94
CA THR A 28 1.16 4.98 -0.05
C THR A 28 0.43 5.54 1.18
N PRO A 29 -0.42 4.70 1.79
CA PRO A 29 -1.20 5.09 2.96
C PRO A 29 -0.32 5.27 4.20
N SER A 30 0.50 6.30 4.19
CA SER A 30 1.39 6.59 5.31
C SER A 30 0.59 6.85 6.58
N PRO A 31 1.24 6.62 7.74
CA PRO A 31 0.61 6.81 9.05
C PRO A 31 0.38 8.29 9.36
N PRO A 32 -0.42 8.55 10.41
CA PRO A 32 -0.73 9.92 10.84
C PRO A 32 0.48 10.63 11.45
N SER A 33 1.48 9.85 11.85
CA SER A 33 2.69 10.40 12.45
C SER A 33 3.35 11.40 11.50
N GLU A 34 3.14 11.19 10.21
CA GLU A 34 3.73 12.07 9.20
C GLU A 34 2.87 13.31 8.99
N LYS A 35 1.58 13.18 9.27
CA LYS A 35 0.64 14.29 9.11
C LYS A 35 0.60 14.77 7.67
N LYS A 1 -15.24 -10.95 5.38
CA LYS A 1 -14.43 -10.44 4.29
C LYS A 1 -13.61 -9.23 4.74
N VAL A 2 -12.46 -9.49 5.36
CA VAL A 2 -11.59 -8.42 5.83
C VAL A 2 -10.14 -8.88 5.91
N GLY A 3 -9.95 -10.12 6.36
CA GLY A 3 -8.61 -10.66 6.48
C GLY A 3 -7.99 -10.98 5.14
N PHE A 4 -8.82 -10.97 4.10
CA PHE A 4 -8.34 -11.26 2.75
C PHE A 4 -7.78 -10.02 2.08
N PHE A 5 -8.46 -8.89 2.28
CA PHE A 5 -8.02 -7.62 1.70
C PHE A 5 -6.72 -7.14 2.34
N LYS A 6 -6.56 -7.44 3.63
CA LYS A 6 -5.35 -7.05 4.36
C LYS A 6 -4.10 -7.53 3.64
N ARG A 7 -4.20 -8.69 3.01
CA ARG A 7 -3.06 -9.25 2.28
C ARG A 7 -3.29 -9.18 0.77
N GLN A 8 -4.54 -9.01 0.37
CA GLN A 8 -4.90 -8.93 -1.03
C GLN A 8 -4.84 -7.49 -1.53
N TYR A 9 -5.41 -6.58 -0.75
CA TYR A 9 -5.42 -5.16 -1.11
C TYR A 9 -4.01 -4.59 -1.11
N LYS A 10 -3.21 -4.99 -0.12
CA LYS A 10 -1.84 -4.52 -0.01
C LYS A 10 -0.98 -5.06 -1.16
N GLU A 11 -1.33 -6.25 -1.64
CA GLU A 11 -0.59 -6.87 -2.73
C GLU A 11 -0.92 -6.20 -4.06
N MET A 12 -2.19 -5.86 -4.24
CA MET A 12 -2.63 -5.21 -5.48
C MET A 12 -2.24 -3.73 -5.47
N MET A 13 -2.00 -3.19 -4.30
CA MET A 13 -1.61 -1.78 -4.16
C MET A 13 -0.12 -1.60 -4.37
N GLU A 14 0.67 -2.57 -3.89
CA GLU A 14 2.12 -2.52 -4.03
C GLU A 14 2.54 -2.83 -5.46
N GLU A 15 1.76 -3.66 -6.13
CA GLU A 15 2.05 -4.05 -7.51
C GLU A 15 1.72 -2.90 -8.47
N ALA A 16 0.72 -2.10 -8.12
CA ALA A 16 0.30 -0.98 -8.95
C ALA A 16 0.97 0.31 -8.50
N ASN A 17 1.64 0.25 -7.34
CA ASN A 17 2.32 1.42 -6.80
C ASN A 17 3.75 1.52 -7.33
N GLY A 18 4.17 0.49 -8.07
CA GLY A 18 5.50 0.48 -8.63
C GLY A 18 6.33 -0.69 -8.14
N GLN A 19 5.73 -1.88 -8.20
CA GLN A 19 6.41 -3.10 -7.75
C GLN A 19 7.83 -3.17 -8.33
N ILE A 20 8.03 -2.49 -9.45
CA ILE A 20 9.35 -2.47 -10.10
C ILE A 20 9.90 -1.05 -10.16
N ALA A 21 9.05 -0.07 -9.89
CA ALA A 21 9.45 1.32 -9.92
C ALA A 21 9.55 1.90 -8.51
N PRO A 22 10.27 3.03 -8.38
CA PRO A 22 10.45 3.70 -7.09
C PRO A 22 9.17 4.34 -6.58
N GLU A 23 8.13 4.31 -7.41
CA GLU A 23 6.84 4.89 -7.04
C GLU A 23 6.31 4.28 -5.74
N ASN A 24 6.64 3.01 -5.52
CA ASN A 24 6.20 2.31 -4.32
C ASN A 24 6.53 3.11 -3.07
N GLY A 25 5.51 3.75 -2.50
CA GLY A 25 5.71 4.54 -1.30
C GLY A 25 5.40 6.02 -1.52
N THR A 26 4.90 6.33 -2.71
CA THR A 26 4.56 7.71 -3.04
C THR A 26 3.11 8.02 -2.68
N GLN A 27 2.22 7.10 -3.02
CA GLN A 27 0.80 7.28 -2.72
C GLN A 27 0.34 6.30 -1.65
N THR A 28 1.24 5.43 -1.22
CA THR A 28 0.93 4.45 -0.20
C THR A 28 0.22 5.09 0.99
N PRO A 29 -0.56 4.28 1.72
CA PRO A 29 -1.31 4.75 2.89
C PRO A 29 -0.39 5.10 4.06
N SER A 30 0.37 6.18 3.91
CA SER A 30 1.29 6.62 4.96
C SER A 30 0.55 6.89 6.26
N PRO A 31 1.26 6.80 7.38
CA PRO A 31 0.69 7.04 8.72
C PRO A 31 0.34 8.51 8.94
N PRO A 32 -0.41 8.79 10.01
CA PRO A 32 -0.82 10.15 10.37
C PRO A 32 0.35 11.00 10.85
N SER A 33 0.41 12.24 10.38
CA SER A 33 1.47 13.16 10.76
C SER A 33 1.36 13.54 12.24
N GLU A 34 0.13 13.57 12.74
CA GLU A 34 -0.12 13.92 14.13
C GLU A 34 0.29 12.78 15.07
N LYS A 35 0.26 11.55 14.55
CA LYS A 35 0.64 10.38 15.33
C LYS A 35 1.19 9.29 14.43
N LYS A 1 -15.55 -12.27 4.10
CA LYS A 1 -14.69 -11.53 3.20
C LYS A 1 -13.89 -10.47 3.95
N VAL A 2 -12.78 -10.89 4.55
CA VAL A 2 -11.93 -9.98 5.31
C VAL A 2 -10.49 -10.49 5.36
N GLY A 3 -10.34 -11.80 5.53
CA GLY A 3 -9.02 -12.38 5.60
C GLY A 3 -8.34 -12.45 4.25
N PHE A 4 -9.10 -12.21 3.19
CA PHE A 4 -8.58 -12.24 1.83
C PHE A 4 -7.96 -10.90 1.45
N PHE A 5 -8.64 -9.81 1.82
CA PHE A 5 -8.16 -8.47 1.51
C PHE A 5 -6.91 -8.15 2.32
N LYS A 6 -6.83 -8.71 3.53
CA LYS A 6 -5.68 -8.48 4.40
C LYS A 6 -4.38 -8.81 3.68
N ARG A 7 -4.41 -9.84 2.84
CA ARG A 7 -3.24 -10.26 2.09
C ARG A 7 -3.37 -9.91 0.62
N GLN A 8 -4.59 -9.65 0.18
CA GLN A 8 -4.86 -9.30 -1.21
C GLN A 8 -4.77 -7.79 -1.41
N TYR A 9 -5.41 -7.04 -0.51
CA TYR A 9 -5.41 -5.58 -0.59
C TYR A 9 -4.00 -5.03 -0.42
N LYS A 10 -3.27 -5.59 0.53
CA LYS A 10 -1.90 -5.16 0.80
C LYS A 10 -0.98 -5.44 -0.38
N GLU A 11 -1.24 -6.55 -1.06
CA GLU A 11 -0.44 -6.95 -2.22
C GLU A 11 -0.86 -6.16 -3.46
N MET A 12 -2.11 -5.71 -3.47
CA MET A 12 -2.63 -4.94 -4.59
C MET A 12 -2.24 -3.47 -4.48
N MET A 13 -1.96 -3.03 -3.26
CA MET A 13 -1.58 -1.65 -3.01
C MET A 13 -0.08 -1.45 -3.25
N GLU A 14 0.71 -2.45 -2.89
CA GLU A 14 2.16 -2.39 -3.06
C GLU A 14 2.54 -2.63 -4.52
N GLU A 15 1.69 -3.34 -5.24
CA GLU A 15 1.94 -3.64 -6.64
C GLU A 15 1.59 -2.44 -7.53
N ALA A 16 0.62 -1.65 -7.08
CA ALA A 16 0.19 -0.48 -7.83
C ALA A 16 0.88 0.78 -7.32
N ASN A 17 1.55 0.67 -6.18
CA ASN A 17 2.26 1.80 -5.59
C ASN A 17 3.68 1.89 -6.14
N GLY A 18 4.08 0.89 -6.92
CA GLY A 18 5.41 0.88 -7.49
C GLY A 18 6.23 -0.30 -7.01
N GLN A 19 5.62 -1.48 -7.03
CA GLN A 19 6.31 -2.69 -6.59
C GLN A 19 7.70 -2.79 -7.22
N ILE A 20 7.87 -2.13 -8.37
CA ILE A 20 9.15 -2.15 -9.07
C ILE A 20 9.73 -0.75 -9.17
N ALA A 21 8.91 0.25 -8.87
CA ALA A 21 9.35 1.64 -8.92
C ALA A 21 9.48 2.23 -7.52
N PRO A 22 10.20 3.35 -7.41
CA PRO A 22 10.43 4.04 -6.13
C PRO A 22 9.16 4.69 -5.60
N GLU A 23 8.10 4.62 -6.39
CA GLU A 23 6.82 5.21 -5.98
C GLU A 23 6.35 4.64 -4.65
N ASN A 24 6.66 3.37 -4.41
CA ASN A 24 6.27 2.70 -3.18
C ASN A 24 6.67 3.53 -1.96
N GLY A 25 5.68 4.20 -1.37
CA GLY A 25 5.95 5.02 -0.20
C GLY A 25 5.64 6.48 -0.43
N THR A 26 5.10 6.78 -1.61
CA THR A 26 4.75 8.16 -1.97
C THR A 26 3.32 8.49 -1.56
N GLN A 27 2.39 7.63 -1.94
CA GLN A 27 0.98 7.83 -1.61
C GLN A 27 0.50 6.80 -0.60
N THR A 28 1.39 5.86 -0.26
CA THR A 28 1.05 4.80 0.69
C THR A 28 0.38 5.38 1.93
N PRO A 29 -0.40 4.54 2.62
CA PRO A 29 -1.11 4.94 3.84
C PRO A 29 -0.17 5.17 5.02
N SER A 30 0.63 6.22 4.93
CA SER A 30 1.59 6.55 5.99
C SER A 30 0.93 7.39 7.08
N PRO A 31 1.49 7.32 8.29
CA PRO A 31 0.98 8.06 9.44
C PRO A 31 1.21 9.57 9.31
N PRO A 32 0.56 10.34 10.19
CA PRO A 32 0.68 11.81 10.19
C PRO A 32 2.04 12.27 10.65
N SER A 33 2.97 12.40 9.70
CA SER A 33 4.33 12.85 10.01
C SER A 33 4.39 14.37 10.15
N GLU A 34 3.55 15.06 9.39
CA GLU A 34 3.50 16.51 9.43
C GLU A 34 2.86 17.00 10.72
N LYS A 35 1.98 16.18 11.29
CA LYS A 35 1.30 16.53 12.52
C LYS A 35 2.10 16.09 13.75
N LYS A 1 -15.66 -11.88 4.29
CA LYS A 1 -14.80 -11.16 3.37
C LYS A 1 -14.01 -10.08 4.10
N VAL A 2 -12.89 -10.46 4.70
CA VAL A 2 -12.05 -9.53 5.43
C VAL A 2 -10.60 -10.03 5.49
N GLY A 3 -10.44 -11.34 5.67
CA GLY A 3 -9.11 -11.91 5.75
C GLY A 3 -8.44 -12.01 4.39
N PHE A 4 -9.22 -11.78 3.34
CA PHE A 4 -8.70 -11.85 1.98
C PHE A 4 -8.10 -10.52 1.56
N PHE A 5 -8.78 -9.43 1.90
CA PHE A 5 -8.31 -8.09 1.55
C PHE A 5 -7.06 -7.74 2.36
N LYS A 6 -6.97 -8.28 3.57
CA LYS A 6 -5.84 -8.01 4.44
C LYS A 6 -4.52 -8.37 3.75
N ARG A 7 -4.58 -9.39 2.89
CA ARG A 7 -3.39 -9.84 2.17
C ARG A 7 -3.53 -9.53 0.67
N GLN A 8 -4.76 -9.28 0.24
CA GLN A 8 -5.03 -8.98 -1.16
C GLN A 8 -4.96 -7.48 -1.42
N TYR A 9 -5.58 -6.71 -0.54
CA TYR A 9 -5.60 -5.26 -0.66
C TYR A 9 -4.20 -4.67 -0.46
N LYS A 10 -3.49 -5.21 0.52
CA LYS A 10 -2.14 -4.75 0.82
C LYS A 10 -1.17 -5.13 -0.30
N GLU A 11 -1.35 -6.33 -0.84
CA GLU A 11 -0.48 -6.83 -1.91
C GLU A 11 -0.86 -6.18 -3.24
N MET A 12 -2.12 -5.75 -3.36
CA MET A 12 -2.60 -5.12 -4.58
C MET A 12 -2.24 -3.64 -4.60
N MET A 13 -2.02 -3.07 -3.42
CA MET A 13 -1.65 -1.66 -3.31
C MET A 13 -0.16 -1.46 -3.52
N GLU A 14 0.63 -2.41 -3.02
CA GLU A 14 2.08 -2.33 -3.16
C GLU A 14 2.52 -2.61 -4.60
N GLU A 15 1.75 -3.45 -5.29
CA GLU A 15 2.05 -3.80 -6.67
C GLU A 15 1.74 -2.63 -7.60
N ALA A 16 0.67 -1.90 -7.28
CA ALA A 16 0.26 -0.76 -8.09
C ALA A 16 0.91 0.53 -7.60
N ASN A 17 1.58 0.45 -6.45
CA ASN A 17 2.24 1.61 -5.87
C ASN A 17 3.64 1.77 -6.44
N GLY A 18 4.10 0.76 -7.16
CA GLY A 18 5.43 0.82 -7.76
C GLY A 18 6.32 -0.32 -7.29
N GLN A 19 5.77 -1.52 -7.23
CA GLN A 19 6.52 -2.69 -6.78
C GLN A 19 7.88 -2.75 -7.48
N ILE A 20 7.97 -2.15 -8.65
CA ILE A 20 9.21 -2.12 -9.42
C ILE A 20 9.62 -0.70 -9.76
N ALA A 21 8.72 0.25 -9.52
CA ALA A 21 8.99 1.65 -9.80
C ALA A 21 9.21 2.44 -8.52
N PRO A 22 9.75 3.66 -8.65
CA PRO A 22 10.02 4.53 -7.51
C PRO A 22 8.75 5.08 -6.88
N GLU A 23 7.65 5.04 -7.63
CA GLU A 23 6.38 5.52 -7.14
C GLU A 23 6.04 4.90 -5.79
N ASN A 24 6.63 3.74 -5.52
CA ASN A 24 6.38 3.03 -4.26
C ASN A 24 7.02 3.79 -3.09
N GLY A 25 6.18 4.46 -2.31
CA GLY A 25 6.68 5.20 -1.16
C GLY A 25 6.40 6.69 -1.27
N THR A 26 6.00 7.12 -2.47
CA THR A 26 5.70 8.53 -2.71
C THR A 26 4.23 8.84 -2.44
N GLN A 27 3.36 7.95 -2.90
CA GLN A 27 1.92 8.12 -2.71
C GLN A 27 1.37 7.08 -1.74
N THR A 28 2.21 6.10 -1.39
CA THR A 28 1.81 5.04 -0.47
C THR A 28 1.11 5.61 0.75
N PRO A 29 0.28 4.78 1.40
CA PRO A 29 -0.47 5.18 2.60
C PRO A 29 0.44 5.36 3.80
N SER A 30 1.28 6.39 3.77
CA SER A 30 2.21 6.66 4.86
C SER A 30 1.45 7.00 6.15
N PRO A 31 2.11 6.77 7.29
CA PRO A 31 1.51 7.05 8.61
C PRO A 31 1.35 8.54 8.87
N PRO A 32 0.61 8.87 9.93
CA PRO A 32 0.36 10.27 10.31
C PRO A 32 1.61 10.93 10.87
N SER A 33 1.92 12.13 10.36
CA SER A 33 3.09 12.87 10.81
C SER A 33 2.73 13.81 11.96
N GLU A 34 1.50 14.31 11.94
CA GLU A 34 1.04 15.22 12.98
C GLU A 34 0.32 14.46 14.09
N LYS A 35 -0.25 13.32 13.74
CA LYS A 35 -0.97 12.48 14.71
C LYS A 35 -2.12 13.25 15.34
N LYS A 1 -14.49 -13.40 4.32
CA LYS A 1 -14.32 -12.35 3.33
C LYS A 1 -13.62 -11.13 3.94
N VAL A 2 -12.61 -11.39 4.76
CA VAL A 2 -11.86 -10.32 5.41
C VAL A 2 -10.38 -10.67 5.52
N GLY A 3 -10.10 -11.95 5.76
CA GLY A 3 -8.73 -12.39 5.89
C GLY A 3 -8.02 -12.47 4.55
N PHE A 4 -8.79 -12.36 3.48
CA PHE A 4 -8.22 -12.43 2.12
C PHE A 4 -7.75 -11.04 1.67
N PHE A 5 -8.55 -10.03 1.96
CA PHE A 5 -8.22 -8.66 1.58
C PHE A 5 -7.03 -8.14 2.40
N LYS A 6 -6.92 -8.62 3.63
CA LYS A 6 -5.83 -8.22 4.52
C LYS A 6 -4.48 -8.46 3.87
N ARG A 7 -4.39 -9.53 3.09
CA ARG A 7 -3.15 -9.87 2.40
C ARG A 7 -3.26 -9.62 0.90
N GLN A 8 -4.50 -9.51 0.41
CA GLN A 8 -4.74 -9.27 -1.00
C GLN A 8 -4.80 -7.77 -1.30
N TYR A 9 -5.53 -7.04 -0.46
CA TYR A 9 -5.66 -5.59 -0.64
C TYR A 9 -4.32 -4.90 -0.44
N LYS A 10 -3.58 -5.32 0.58
CA LYS A 10 -2.28 -4.74 0.87
C LYS A 10 -1.27 -5.08 -0.22
N GLU A 11 -1.46 -6.23 -0.86
CA GLU A 11 -0.56 -6.66 -1.93
C GLU A 11 -0.88 -5.92 -3.23
N MET A 12 -2.15 -5.68 -3.48
CA MET A 12 -2.59 -4.99 -4.68
C MET A 12 -2.34 -3.48 -4.56
N MET A 13 -2.22 -3.01 -3.33
CA MET A 13 -1.98 -1.59 -3.08
C MET A 13 -0.49 -1.27 -3.15
N GLU A 14 0.34 -2.19 -2.68
CA GLU A 14 1.78 -2.00 -2.69
C GLU A 14 2.34 -2.18 -4.10
N GLU A 15 1.66 -2.99 -4.90
CA GLU A 15 2.09 -3.25 -6.27
C GLU A 15 1.74 -2.07 -7.18
N ALA A 16 0.63 -1.41 -6.87
CA ALA A 16 0.19 -0.27 -7.67
C ALA A 16 0.72 1.04 -7.08
N ASN A 17 1.28 0.96 -5.88
CA ASN A 17 1.82 2.14 -5.21
C ASN A 17 3.25 2.41 -5.66
N GLY A 18 3.83 1.45 -6.37
CA GLY A 18 5.20 1.61 -6.85
C GLY A 18 6.12 0.52 -6.33
N GLN A 19 5.64 -0.71 -6.33
CA GLN A 19 6.42 -1.84 -5.84
C GLN A 19 7.83 -1.82 -6.45
N ILE A 20 7.95 -1.20 -7.61
CA ILE A 20 9.24 -1.11 -8.29
C ILE A 20 9.64 0.34 -8.52
N ALA A 21 8.70 1.25 -8.30
CA ALA A 21 8.95 2.67 -8.48
C ALA A 21 9.06 3.39 -7.13
N PRO A 22 9.60 4.61 -7.15
CA PRO A 22 9.78 5.42 -5.95
C PRO A 22 8.45 5.91 -5.38
N GLU A 23 7.36 5.63 -6.10
CA GLU A 23 6.03 6.04 -5.66
C GLU A 23 5.66 5.38 -4.34
N ASN A 24 6.12 4.15 -4.15
CA ASN A 24 5.84 3.41 -2.92
C ASN A 24 6.27 4.20 -1.70
N GLY A 25 5.29 4.79 -1.00
CA GLY A 25 5.60 5.57 0.19
C GLY A 25 5.19 7.02 0.04
N THR A 26 4.75 7.40 -1.15
CA THR A 26 4.34 8.76 -1.42
C THR A 26 2.84 8.94 -1.16
N GLN A 27 2.03 8.04 -1.69
CA GLN A 27 0.59 8.09 -1.51
C GLN A 27 0.10 6.96 -0.63
N THR A 28 1.01 6.04 -0.29
CA THR A 28 0.68 4.89 0.55
C THR A 28 -0.10 5.33 1.78
N PRO A 29 -0.89 4.40 2.35
CA PRO A 29 -1.70 4.67 3.54
C PRO A 29 -0.85 4.86 4.79
N SER A 30 -0.11 5.96 4.84
CA SER A 30 0.75 6.25 5.98
C SER A 30 0.02 7.12 7.00
N PRO A 31 0.46 7.04 8.27
CA PRO A 31 -0.13 7.81 9.36
C PRO A 31 0.16 9.30 9.25
N PRO A 32 -0.54 10.11 10.05
CA PRO A 32 -0.37 11.56 10.06
C PRO A 32 0.96 11.99 10.66
N SER A 33 1.56 11.10 11.45
CA SER A 33 2.85 11.39 12.09
C SER A 33 3.96 11.47 11.04
N GLU A 34 3.79 10.73 9.95
CA GLU A 34 4.78 10.72 8.88
C GLU A 34 4.67 11.97 8.02
N LYS A 35 3.49 12.57 7.99
CA LYS A 35 3.24 13.77 7.21
C LYS A 35 3.61 13.55 5.75
N LYS A 1 -14.74 -12.62 4.34
CA LYS A 1 -14.50 -11.57 3.35
C LYS A 1 -13.75 -10.40 3.95
N VAL A 2 -12.76 -10.71 4.79
CA VAL A 2 -11.97 -9.67 5.45
C VAL A 2 -10.52 -10.10 5.57
N GLY A 3 -10.30 -11.39 5.83
CA GLY A 3 -8.95 -11.91 5.98
C GLY A 3 -8.25 -12.05 4.64
N PHE A 4 -9.00 -11.94 3.56
CA PHE A 4 -8.44 -12.08 2.22
C PHE A 4 -7.89 -10.72 1.73
N PHE A 5 -8.67 -9.67 1.93
CA PHE A 5 -8.28 -8.33 1.51
C PHE A 5 -7.09 -7.84 2.33
N LYS A 6 -7.00 -8.31 3.57
CA LYS A 6 -5.91 -7.92 4.46
C LYS A 6 -4.56 -8.21 3.83
N ARG A 7 -4.49 -9.31 3.07
CA ARG A 7 -3.25 -9.70 2.42
C ARG A 7 -3.34 -9.49 0.90
N GLN A 8 -4.57 -9.37 0.41
CA GLN A 8 -4.80 -9.16 -1.02
C GLN A 8 -4.80 -7.68 -1.36
N TYR A 9 -5.51 -6.90 -0.56
CA TYR A 9 -5.60 -5.45 -0.78
C TYR A 9 -4.24 -4.79 -0.59
N LYS A 10 -3.52 -5.21 0.43
CA LYS A 10 -2.20 -4.67 0.72
C LYS A 10 -1.22 -5.00 -0.40
N GLU A 11 -1.40 -6.17 -1.00
CA GLU A 11 -0.52 -6.60 -2.08
C GLU A 11 -0.83 -5.84 -3.37
N MET A 12 -2.10 -5.57 -3.61
CA MET A 12 -2.53 -4.84 -4.79
C MET A 12 -2.19 -3.36 -4.67
N MET A 13 -2.08 -2.88 -3.44
CA MET A 13 -1.76 -1.47 -3.20
C MET A 13 -0.25 -1.23 -3.31
N GLU A 14 0.54 -2.20 -2.87
CA GLU A 14 1.99 -2.09 -2.92
C GLU A 14 2.49 -2.28 -4.36
N GLU A 15 1.75 -3.06 -5.14
CA GLU A 15 2.12 -3.32 -6.52
C GLU A 15 1.79 -2.14 -7.41
N ALA A 16 0.75 -1.40 -7.04
CA ALA A 16 0.33 -0.24 -7.81
C ALA A 16 0.92 1.04 -7.23
N ASN A 17 1.52 0.93 -6.06
CA ASN A 17 2.13 2.08 -5.39
C ASN A 17 3.57 2.29 -5.88
N GLY A 18 4.08 1.31 -6.62
CA GLY A 18 5.43 1.40 -7.14
C GLY A 18 6.32 0.27 -6.65
N GLN A 19 5.78 -0.94 -6.66
CA GLN A 19 6.53 -2.10 -6.20
C GLN A 19 7.91 -2.14 -6.84
N ILE A 20 8.04 -1.51 -8.01
CA ILE A 20 9.31 -1.47 -8.71
C ILE A 20 9.77 -0.03 -8.93
N ALA A 21 8.88 0.91 -8.66
CA ALA A 21 9.20 2.34 -8.83
C ALA A 21 9.38 3.01 -7.48
N PRO A 22 9.97 4.21 -7.49
CA PRO A 22 10.21 4.99 -6.27
C PRO A 22 8.91 5.52 -5.65
N GLU A 23 7.81 5.29 -6.34
CA GLU A 23 6.51 5.75 -5.86
C GLU A 23 6.13 5.04 -4.56
N ASN A 24 6.56 3.81 -4.42
CA ASN A 24 6.27 3.02 -3.23
C ASN A 24 6.66 3.78 -1.97
N GLY A 25 5.66 4.32 -1.27
CA GLY A 25 5.91 5.07 -0.06
C GLY A 25 5.45 6.51 -0.16
N THR A 26 5.02 6.91 -1.35
CA THR A 26 4.56 8.28 -1.57
C THR A 26 3.05 8.38 -1.34
N GLN A 27 2.33 7.30 -1.63
CA GLN A 27 0.89 7.28 -1.44
C GLN A 27 0.48 6.33 -0.32
N THR A 28 1.44 5.52 0.11
CA THR A 28 1.19 4.56 1.18
C THR A 28 0.48 5.21 2.36
N PRO A 29 -0.24 4.40 3.15
CA PRO A 29 -0.98 4.88 4.32
C PRO A 29 -0.06 5.33 5.45
N SER A 30 0.66 6.43 5.21
CA SER A 30 1.58 6.96 6.21
C SER A 30 0.84 7.35 7.48
N PRO A 31 1.57 7.37 8.61
CA PRO A 31 1.00 7.72 9.91
C PRO A 31 0.65 9.20 10.01
N PRO A 32 -0.11 9.57 11.06
CA PRO A 32 -0.52 10.95 11.28
C PRO A 32 0.64 11.85 11.68
N SER A 33 1.73 11.24 12.15
CA SER A 33 2.91 11.98 12.56
C SER A 33 3.59 12.63 11.37
N GLU A 34 3.49 11.99 10.21
CA GLU A 34 4.10 12.50 8.99
C GLU A 34 3.13 13.40 8.23
N LYS A 35 1.84 13.15 8.42
CA LYS A 35 0.80 13.93 7.77
C LYS A 35 0.96 13.86 6.25
N LYS A 1 -15.43 -11.88 4.32
CA LYS A 1 -14.48 -11.34 3.36
C LYS A 1 -13.90 -10.02 3.84
N VAL A 2 -12.87 -10.09 4.67
CA VAL A 2 -12.23 -8.89 5.19
C VAL A 2 -10.77 -9.16 5.57
N GLY A 3 -10.53 -10.34 6.14
CA GLY A 3 -9.18 -10.71 6.54
C GLY A 3 -8.30 -11.02 5.34
N PHE A 4 -8.90 -11.16 4.17
CA PHE A 4 -8.16 -11.47 2.96
C PHE A 4 -7.62 -10.20 2.32
N PHE A 5 -8.45 -9.15 2.30
CA PHE A 5 -8.06 -7.88 1.71
C PHE A 5 -6.96 -7.22 2.54
N LYS A 6 -7.00 -7.42 3.84
CA LYS A 6 -6.01 -6.84 4.74
C LYS A 6 -4.60 -7.21 4.30
N ARG A 7 -4.45 -8.40 3.73
CA ARG A 7 -3.16 -8.87 3.25
C ARG A 7 -3.10 -8.89 1.74
N GLN A 8 -4.27 -8.89 1.11
CA GLN A 8 -4.35 -8.91 -0.35
C GLN A 8 -4.37 -7.48 -0.91
N TYR A 9 -5.18 -6.62 -0.30
CA TYR A 9 -5.29 -5.24 -0.74
C TYR A 9 -3.98 -4.49 -0.52
N LYS A 10 -3.33 -4.76 0.61
CA LYS A 10 -2.07 -4.11 0.94
C LYS A 10 -0.98 -4.51 -0.07
N GLU A 11 -0.97 -5.77 -0.46
CA GLU A 11 0.02 -6.27 -1.42
C GLU A 11 -0.35 -5.85 -2.84
N MET A 12 -1.63 -5.62 -3.07
CA MET A 12 -2.12 -5.21 -4.39
C MET A 12 -1.95 -3.70 -4.58
N MET A 13 -1.87 -2.98 -3.47
CA MET A 13 -1.73 -1.52 -3.52
C MET A 13 -0.25 -1.14 -3.67
N GLU A 14 0.62 -1.90 -3.01
CA GLU A 14 2.06 -1.64 -3.07
C GLU A 14 2.64 -2.10 -4.40
N GLU A 15 2.00 -3.09 -5.01
CA GLU A 15 2.45 -3.62 -6.28
C GLU A 15 2.05 -2.71 -7.44
N ALA A 16 0.92 -2.02 -7.28
CA ALA A 16 0.43 -1.11 -8.29
C ALA A 16 0.87 0.32 -8.02
N ASN A 17 1.41 0.55 -6.83
CA ASN A 17 1.88 1.88 -6.44
C ASN A 17 3.33 2.09 -6.88
N GLY A 18 3.95 1.02 -7.38
CA GLY A 18 5.33 1.13 -7.84
C GLY A 18 6.26 0.22 -7.05
N GLN A 19 5.83 -1.02 -6.85
CA GLN A 19 6.63 -1.99 -6.11
C GLN A 19 8.08 -1.98 -6.59
N ILE A 20 8.28 -1.56 -7.84
CA ILE A 20 9.62 -1.50 -8.41
C ILE A 20 10.01 -0.06 -8.75
N ALA A 21 9.03 0.83 -8.74
CA ALA A 21 9.26 2.24 -9.04
C ALA A 21 9.15 3.10 -7.79
N PRO A 22 9.69 4.32 -7.85
CA PRO A 22 9.65 5.27 -6.73
C PRO A 22 8.24 5.79 -6.46
N GLU A 23 7.30 5.41 -7.31
CA GLU A 23 5.92 5.86 -7.17
C GLU A 23 5.37 5.47 -5.79
N ASN A 24 5.82 4.34 -5.27
CA ASN A 24 5.38 3.86 -3.97
C ASN A 24 5.47 4.97 -2.92
N GLY A 25 4.32 5.55 -2.58
CA GLY A 25 4.29 6.62 -1.60
C GLY A 25 3.81 7.93 -2.18
N THR A 26 2.91 7.85 -3.15
CA THR A 26 2.35 9.04 -3.79
C THR A 26 1.08 9.50 -3.10
N GLN A 27 0.01 8.72 -3.25
CA GLN A 27 -1.27 9.05 -2.65
C GLN A 27 -1.68 7.98 -1.64
N THR A 28 -0.87 6.94 -1.52
CA THR A 28 -1.16 5.84 -0.61
C THR A 28 -1.55 6.37 0.77
N PRO A 29 -2.42 5.63 1.47
CA PRO A 29 -2.89 6.01 2.80
C PRO A 29 -1.80 5.89 3.86
N SER A 30 -0.76 6.71 3.73
CA SER A 30 0.35 6.70 4.67
C SER A 30 -0.08 7.21 6.05
N PRO A 31 0.64 6.79 7.09
CA PRO A 31 0.34 7.19 8.47
C PRO A 31 0.66 8.66 8.72
N PRO A 32 0.18 9.18 9.87
CA PRO A 32 0.40 10.57 10.25
C PRO A 32 1.85 10.85 10.61
N SER A 33 2.19 12.13 10.79
CA SER A 33 3.54 12.53 11.14
C SER A 33 3.99 11.89 12.45
N GLU A 34 3.05 11.73 13.38
CA GLU A 34 3.34 11.13 14.67
C GLU A 34 3.78 9.67 14.50
N LYS A 35 3.34 9.05 13.42
CA LYS A 35 3.68 7.66 13.14
C LYS A 35 3.38 6.76 14.34
N LYS A 1 -14.73 -11.66 4.47
CA LYS A 1 -14.46 -10.73 3.39
C LYS A 1 -13.70 -9.51 3.90
N VAL A 2 -12.73 -9.74 4.78
CA VAL A 2 -11.93 -8.67 5.34
C VAL A 2 -10.49 -9.10 5.54
N GLY A 3 -10.30 -10.36 5.93
CA GLY A 3 -8.97 -10.89 6.14
C GLY A 3 -8.24 -11.17 4.85
N PHE A 4 -8.97 -11.15 3.74
CA PHE A 4 -8.39 -11.41 2.42
C PHE A 4 -7.82 -10.14 1.82
N PHE A 5 -8.58 -9.05 1.92
CA PHE A 5 -8.14 -7.76 1.39
C PHE A 5 -6.96 -7.21 2.18
N LYS A 6 -6.91 -7.56 3.47
CA LYS A 6 -5.83 -7.10 4.34
C LYS A 6 -4.47 -7.48 3.77
N ARG A 7 -4.40 -8.65 3.14
CA ARG A 7 -3.15 -9.13 2.55
C ARG A 7 -3.22 -9.07 1.03
N GLN A 8 -4.43 -8.96 0.49
CA GLN A 8 -4.63 -8.90 -0.95
C GLN A 8 -4.60 -7.46 -1.44
N TYR A 9 -5.31 -6.59 -0.74
CA TYR A 9 -5.37 -5.18 -1.11
C TYR A 9 -4.01 -4.51 -0.95
N LYS A 10 -3.31 -4.84 0.14
CA LYS A 10 -1.99 -4.28 0.40
C LYS A 10 -0.99 -4.72 -0.66
N GLU A 11 -1.16 -5.95 -1.15
CA GLU A 11 -0.27 -6.49 -2.17
C GLU A 11 -0.58 -5.89 -3.54
N MET A 12 -1.86 -5.61 -3.79
CA MET A 12 -2.28 -5.04 -5.05
C MET A 12 -1.98 -3.54 -5.10
N MET A 13 -1.82 -2.93 -3.92
CA MET A 13 -1.53 -1.51 -3.83
C MET A 13 -0.04 -1.26 -3.97
N GLU A 14 0.77 -2.15 -3.41
CA GLU A 14 2.23 -2.02 -3.48
C GLU A 14 2.74 -2.36 -4.87
N GLU A 15 2.02 -3.24 -5.57
CA GLU A 15 2.41 -3.65 -6.91
C GLU A 15 2.08 -2.56 -7.93
N ALA A 16 1.00 -1.83 -7.67
CA ALA A 16 0.58 -0.76 -8.56
C ALA A 16 1.16 0.59 -8.13
N ASN A 17 1.75 0.61 -6.94
CA ASN A 17 2.35 1.83 -6.41
C ASN A 17 3.78 2.01 -6.91
N GLY A 18 4.31 0.96 -7.53
CA GLY A 18 5.66 1.01 -8.05
C GLY A 18 6.56 -0.04 -7.44
N GLN A 19 6.04 -1.25 -7.30
CA GLN A 19 6.80 -2.35 -6.72
C GLN A 19 8.19 -2.45 -7.35
N ILE A 20 8.30 -1.96 -8.58
CA ILE A 20 9.57 -1.99 -9.29
C ILE A 20 10.02 -0.58 -9.68
N ALA A 21 9.11 0.38 -9.53
CA ALA A 21 9.40 1.77 -9.87
C ALA A 21 9.57 2.61 -8.61
N PRO A 22 10.16 3.81 -8.77
CA PRO A 22 10.38 4.74 -7.66
C PRO A 22 9.09 5.33 -7.12
N GLU A 23 7.98 5.01 -7.78
CA GLU A 23 6.67 5.51 -7.35
C GLU A 23 6.31 5.01 -5.95
N ASN A 24 6.73 3.78 -5.66
CA ASN A 24 6.46 3.19 -4.35
C ASN A 24 6.95 4.09 -3.23
N GLY A 25 6.01 4.78 -2.57
CA GLY A 25 6.36 5.66 -1.49
C GLY A 25 6.00 7.11 -1.77
N THR A 26 5.55 7.37 -2.99
CA THR A 26 5.17 8.72 -3.40
C THR A 26 3.69 8.98 -3.12
N GLN A 27 2.84 8.04 -3.54
CA GLN A 27 1.41 8.17 -3.33
C GLN A 27 0.91 7.15 -2.32
N THR A 28 1.79 6.24 -1.91
CA THR A 28 1.44 5.21 -0.95
C THR A 28 0.70 5.80 0.25
N PRO A 29 -0.09 4.96 0.93
CA PRO A 29 -0.87 5.38 2.10
C PRO A 29 0.01 5.66 3.31
N SER A 30 0.80 6.74 3.23
CA SER A 30 1.69 7.12 4.31
C SER A 30 0.92 7.29 5.62
N PRO A 31 1.64 7.12 6.74
CA PRO A 31 1.04 7.25 8.08
C PRO A 31 0.66 8.69 8.40
N PRO A 32 -0.11 8.87 9.49
CA PRO A 32 -0.56 10.19 9.94
C PRO A 32 0.58 11.03 10.49
N SER A 33 0.27 12.26 10.88
CA SER A 33 1.27 13.17 11.43
C SER A 33 1.43 12.97 12.93
N GLU A 34 0.36 12.50 13.57
CA GLU A 34 0.37 12.26 15.01
C GLU A 34 1.25 11.05 15.34
N LYS A 35 1.37 10.14 14.39
CA LYS A 35 2.18 8.93 14.58
C LYS A 35 3.29 8.85 13.54
N LYS A 1 -14.67 -12.88 3.80
CA LYS A 1 -14.45 -11.77 2.89
C LYS A 1 -13.68 -10.64 3.59
N VAL A 2 -12.68 -11.02 4.38
CA VAL A 2 -11.87 -10.03 5.10
C VAL A 2 -10.42 -10.48 5.19
N GLY A 3 -10.21 -11.78 5.35
CA GLY A 3 -8.87 -12.31 5.43
C GLY A 3 -8.16 -12.35 4.09
N PHE A 4 -8.92 -12.12 3.02
CA PHE A 4 -8.37 -12.13 1.67
C PHE A 4 -7.82 -10.75 1.31
N PHE A 5 -8.54 -9.71 1.69
CA PHE A 5 -8.12 -8.34 1.40
C PHE A 5 -6.91 -7.95 2.25
N LYS A 6 -6.86 -8.49 3.46
CA LYS A 6 -5.74 -8.20 4.37
C LYS A 6 -4.41 -8.53 3.72
N ARG A 7 -4.42 -9.51 2.83
CA ARG A 7 -3.20 -9.93 2.13
C ARG A 7 -3.27 -9.57 0.65
N GLN A 8 -4.48 -9.33 0.16
CA GLN A 8 -4.68 -8.97 -1.24
C GLN A 8 -4.66 -7.46 -1.43
N TYR A 9 -5.36 -6.75 -0.56
CA TYR A 9 -5.42 -5.30 -0.63
C TYR A 9 -4.06 -4.68 -0.38
N LYS A 10 -3.31 -5.27 0.56
CA LYS A 10 -1.98 -4.77 0.89
C LYS A 10 -0.99 -5.07 -0.23
N GLU A 11 -1.14 -6.22 -0.87
CA GLU A 11 -0.27 -6.62 -1.97
C GLU A 11 -0.64 -5.89 -3.25
N MET A 12 -1.91 -5.52 -3.37
CA MET A 12 -2.39 -4.82 -4.55
C MET A 12 -2.12 -3.32 -4.44
N MET A 13 -1.89 -2.85 -3.21
CA MET A 13 -1.61 -1.44 -2.97
C MET A 13 -0.13 -1.15 -3.12
N GLU A 14 0.71 -2.09 -2.70
CA GLU A 14 2.15 -1.94 -2.78
C GLU A 14 2.64 -2.16 -4.21
N GLU A 15 1.88 -2.93 -4.98
CA GLU A 15 2.24 -3.22 -6.36
C GLU A 15 1.88 -2.05 -7.27
N ALA A 16 0.80 -1.34 -6.92
CA ALA A 16 0.36 -0.19 -7.70
C ALA A 16 0.93 1.10 -7.15
N ASN A 17 1.55 1.03 -5.99
CA ASN A 17 2.14 2.20 -5.35
C ASN A 17 3.56 2.43 -5.87
N GLY A 18 4.09 1.45 -6.59
CA GLY A 18 5.43 1.57 -7.13
C GLY A 18 6.35 0.47 -6.64
N GLN A 19 5.84 -0.76 -6.60
CA GLN A 19 6.62 -1.90 -6.14
C GLN A 19 7.99 -1.92 -6.80
N ILE A 20 8.09 -1.31 -7.98
CA ILE A 20 9.35 -1.26 -8.72
C ILE A 20 9.76 0.18 -8.97
N ALA A 21 8.86 1.12 -8.72
CA ALA A 21 9.14 2.53 -8.91
C ALA A 21 9.33 3.25 -7.58
N PRO A 22 9.89 4.46 -7.64
CA PRO A 22 10.14 5.27 -6.44
C PRO A 22 8.84 5.80 -5.83
N GLU A 23 7.72 5.54 -6.50
CA GLU A 23 6.42 5.99 -6.01
C GLU A 23 6.09 5.34 -4.66
N ASN A 24 6.53 4.10 -4.49
CA ASN A 24 6.28 3.37 -3.25
C ASN A 24 6.76 4.16 -2.05
N GLY A 25 5.83 4.77 -1.32
CA GLY A 25 6.18 5.55 -0.15
C GLY A 25 5.80 7.01 -0.29
N THR A 26 5.31 7.39 -1.47
CA THR A 26 4.90 8.76 -1.73
C THR A 26 3.44 8.97 -1.39
N GLN A 27 2.59 8.07 -1.88
CA GLN A 27 1.15 8.16 -1.63
C GLN A 27 0.68 7.03 -0.72
N THR A 28 1.59 6.11 -0.42
CA THR A 28 1.27 4.98 0.45
C THR A 28 0.55 5.44 1.71
N PRO A 29 -0.22 4.53 2.32
CA PRO A 29 -0.97 4.82 3.54
C PRO A 29 -0.06 5.00 4.76
N SER A 30 0.71 6.08 4.76
CA SER A 30 1.62 6.37 5.86
C SER A 30 0.87 6.50 7.17
N PRO A 31 1.57 6.25 8.28
CA PRO A 31 0.98 6.34 9.63
C PRO A 31 0.66 7.77 10.03
N PRO A 32 -0.10 7.93 11.13
CA PRO A 32 -0.48 9.23 11.64
C PRO A 32 0.69 10.00 12.24
N SER A 33 1.74 9.26 12.62
CA SER A 33 2.92 9.87 13.21
C SER A 33 3.75 10.59 12.14
N GLU A 34 3.63 10.13 10.90
CA GLU A 34 4.37 10.73 9.80
C GLU A 34 3.57 11.86 9.16
N LYS A 35 2.25 11.79 9.28
CA LYS A 35 1.37 12.81 8.72
C LYS A 35 0.61 13.55 9.83
N LYS A 1 -14.85 -12.29 4.05
CA LYS A 1 -14.60 -11.15 3.19
C LYS A 1 -13.73 -10.11 3.89
N VAL A 2 -12.72 -10.60 4.62
CA VAL A 2 -11.81 -9.72 5.35
C VAL A 2 -10.39 -10.27 5.34
N GLY A 3 -10.27 -11.58 5.42
CA GLY A 3 -8.96 -12.21 5.41
C GLY A 3 -8.32 -12.22 4.03
N PHE A 4 -9.12 -11.90 3.01
CA PHE A 4 -8.64 -11.88 1.64
C PHE A 4 -8.01 -10.53 1.31
N PHE A 5 -8.67 -9.46 1.73
CA PHE A 5 -8.17 -8.10 1.47
C PHE A 5 -6.91 -7.83 2.28
N LYS A 6 -6.81 -8.45 3.45
CA LYS A 6 -5.65 -8.28 4.32
C LYS A 6 -4.37 -8.64 3.58
N ARG A 7 -4.46 -9.58 2.65
CA ARG A 7 -3.31 -10.01 1.87
C ARG A 7 -3.44 -9.57 0.42
N GLN A 8 -4.65 -9.25 0.00
CA GLN A 8 -4.91 -8.81 -1.36
C GLN A 8 -4.79 -7.30 -1.48
N TYR A 9 -5.40 -6.59 -0.53
CA TYR A 9 -5.37 -5.13 -0.54
C TYR A 9 -3.95 -4.61 -0.36
N LYS A 10 -3.20 -5.23 0.55
CA LYS A 10 -1.82 -4.85 0.81
C LYS A 10 -0.94 -5.11 -0.41
N GLU A 11 -1.17 -6.24 -1.06
CA GLU A 11 -0.40 -6.62 -2.24
C GLU A 11 -0.82 -5.80 -3.45
N MET A 12 -2.07 -5.34 -3.44
CA MET A 12 -2.61 -4.55 -4.54
C MET A 12 -2.21 -3.08 -4.39
N MET A 13 -1.88 -2.69 -3.16
CA MET A 13 -1.48 -1.31 -2.90
C MET A 13 0.02 -1.11 -3.15
N GLU A 14 0.80 -2.14 -2.84
CA GLU A 14 2.24 -2.08 -3.02
C GLU A 14 2.61 -2.28 -4.49
N GLU A 15 1.72 -2.95 -5.23
CA GLU A 15 1.95 -3.20 -6.65
C GLU A 15 1.60 -1.98 -7.48
N ALA A 16 0.62 -1.21 -7.01
CA ALA A 16 0.20 -0.01 -7.72
C ALA A 16 0.89 1.24 -7.17
N ASN A 17 1.60 1.06 -6.05
CA ASN A 17 2.31 2.17 -5.43
C ASN A 17 3.69 2.35 -6.06
N GLY A 18 4.10 1.37 -6.86
CA GLY A 18 5.39 1.44 -7.51
C GLY A 18 6.30 0.27 -7.12
N GLN A 19 5.74 -0.92 -7.08
CA GLN A 19 6.49 -2.11 -6.71
C GLN A 19 7.81 -2.17 -7.48
N ILE A 20 7.84 -1.53 -8.64
CA ILE A 20 9.04 -1.51 -9.48
C ILE A 20 9.54 -0.09 -9.68
N ALA A 21 8.71 0.89 -9.31
CA ALA A 21 9.06 2.29 -9.46
C ALA A 21 9.38 2.92 -8.10
N PRO A 22 10.02 4.11 -8.13
CA PRO A 22 10.39 4.83 -6.91
C PRO A 22 9.18 5.39 -6.18
N GLU A 23 7.99 5.22 -6.77
CA GLU A 23 6.76 5.71 -6.17
C GLU A 23 6.45 4.95 -4.88
N ASN A 24 6.85 3.69 -4.82
CA ASN A 24 6.62 2.87 -3.64
C ASN A 24 7.11 3.57 -2.38
N GLY A 25 6.17 4.09 -1.60
CA GLY A 25 6.51 4.78 -0.37
C GLY A 25 6.07 6.23 -0.37
N THR A 26 5.58 6.70 -1.52
CA THR A 26 5.13 8.08 -1.66
C THR A 26 3.64 8.19 -1.35
N GLN A 27 2.90 7.14 -1.64
CA GLN A 27 1.46 7.11 -1.40
C GLN A 27 1.10 6.13 -0.29
N THR A 28 2.11 5.42 0.21
CA THR A 28 1.91 4.45 1.27
C THR A 28 1.02 5.01 2.37
N PRO A 29 0.22 4.14 3.00
CA PRO A 29 -0.69 4.52 4.08
C PRO A 29 0.06 4.90 5.36
N SER A 30 0.83 5.99 5.29
CA SER A 30 1.59 6.45 6.44
C SER A 30 0.68 6.73 7.63
N PRO A 31 1.25 6.66 8.84
CA PRO A 31 0.50 6.90 10.08
C PRO A 31 0.10 8.35 10.24
N PRO A 32 -0.79 8.62 11.21
CA PRO A 32 -1.27 9.97 11.49
C PRO A 32 -0.20 10.86 12.11
N SER A 33 0.64 10.26 12.94
CA SER A 33 1.71 10.99 13.61
C SER A 33 2.66 11.62 12.59
N GLU A 34 2.75 10.99 11.42
CA GLU A 34 3.63 11.48 10.36
C GLU A 34 2.81 12.21 9.28
N LYS A 35 1.55 11.84 9.16
CA LYS A 35 0.67 12.45 8.17
C LYS A 35 1.22 12.29 6.76
#